data_9UYT
# 
_entry.id   9UYT 
# 
_audit_conform.dict_name       mmcif_pdbx.dic 
_audit_conform.dict_version    5.407 
_audit_conform.dict_location   http://mmcif.pdb.org/dictionaries/ascii/mmcif_pdbx.dic 
# 
loop_
_database_2.database_id 
_database_2.database_code 
_database_2.pdbx_database_accession 
_database_2.pdbx_DOI 
PDB   9UYT         pdb_00009uyt 10.2210/pdb9uyt/pdb 
WWPDB D_1300059508 ?            ?                   
# 
loop_
_pdbx_audit_revision_history.ordinal 
_pdbx_audit_revision_history.data_content_type 
_pdbx_audit_revision_history.major_revision 
_pdbx_audit_revision_history.minor_revision 
_pdbx_audit_revision_history.revision_date 
_pdbx_audit_revision_history.part_number 
1 'Structure model' 1 0 2025-11-12 ? 
2 'Structure model' 1 1 2025-11-19 ? 
# 
_pdbx_audit_revision_details.ordinal             1 
_pdbx_audit_revision_details.revision_ordinal    1 
_pdbx_audit_revision_details.data_content_type   'Structure model' 
_pdbx_audit_revision_details.provider            repository 
_pdbx_audit_revision_details.type                'Initial release' 
_pdbx_audit_revision_details.description         ? 
_pdbx_audit_revision_details.details             ? 
# 
_pdbx_audit_revision_group.ordinal             1 
_pdbx_audit_revision_group.revision_ordinal    2 
_pdbx_audit_revision_group.data_content_type   'Structure model' 
_pdbx_audit_revision_group.group               'Database references' 
# 
_pdbx_audit_revision_category.ordinal             1 
_pdbx_audit_revision_category.revision_ordinal    2 
_pdbx_audit_revision_category.data_content_type   'Structure model' 
_pdbx_audit_revision_category.category            citation 
# 
_pdbx_audit_revision_item.ordinal             1 
_pdbx_audit_revision_item.revision_ordinal    2 
_pdbx_audit_revision_item.data_content_type   'Structure model' 
_pdbx_audit_revision_item.item                '_citation.journal_volume' 
# 
_pdbx_database_status.status_code                     REL 
_pdbx_database_status.status_code_sf                  REL 
_pdbx_database_status.status_code_mr                  ? 
_pdbx_database_status.entry_id                        9UYT 
_pdbx_database_status.recvd_initial_deposition_date   2025-05-15 
_pdbx_database_status.SG_entry                        N 
_pdbx_database_status.deposit_site                    PDBJ 
_pdbx_database_status.process_site                    PDBJ 
_pdbx_database_status.status_code_cs                  ? 
_pdbx_database_status.status_code_nmr_data            ? 
_pdbx_database_status.methods_development_category    ? 
_pdbx_database_status.pdb_format_compatible           N 
# 
_pdbx_contact_author.id                 2 
_pdbx_contact_author.email              j.kondo@sophia.ac.jp 
_pdbx_contact_author.name_first         Jiro 
_pdbx_contact_author.name_last          Kondo 
_pdbx_contact_author.name_mi            ? 
_pdbx_contact_author.role               'principal investigator/group leader' 
_pdbx_contact_author.identifier_ORCID   0000-0002-5682-3685 
# 
loop_
_audit_author.name 
_audit_author.pdbx_ordinal 
_audit_author.identifier_ORCID 
'Kondo, J.'    1 0000-0002-5682-3685 
'Kosugi, K.'   2 ?                   
'Sugawara, A.' 3 ?                   
# 
_citation.abstract                  ? 
_citation.abstract_id_CAS           ? 
_citation.book_id_ISBN              ? 
_citation.book_publisher            ? 
_citation.book_publisher_city       ? 
_citation.book_title                ? 
_citation.coordinate_linkage        ? 
_citation.country                   GE 
_citation.database_id_Medline       ? 
_citation.details                   ? 
_citation.id                        primary 
_citation.journal_abbrev            Chembiochem 
_citation.journal_id_ASTM           ? 
_citation.journal_id_CSD            ? 
_citation.journal_id_ISSN           1439-7633 
_citation.journal_full              ? 
_citation.journal_issue             ? 
_citation.journal_volume            26 
_citation.language                  ? 
_citation.page_first                e202500565 
_citation.page_last                 e202500565 
_citation.title                     
;Gold-Mediated Base Pairs in Nucleic Acids: Selective Coordination to Natural and Thiocarbonyl-Modified Cytosines Dependent upon the Oxidation State of Gold.
;
_citation.year                      2025 
_citation.database_id_CSD           ? 
_citation.pdbx_database_id_DOI      10.1002/cbic.202500565 
_citation.pdbx_database_id_PubMed   41078110 
_citation.pdbx_database_id_patent   ? 
_citation.unpublished_flag          ? 
# 
loop_
_citation_author.citation_id 
_citation_author.name 
_citation_author.ordinal 
_citation_author.identifier_ORCID 
primary 'Kosugi, K.'   1 ?                   
primary 'Sugawara, A.' 2 ?                   
primary 'Iwase, E.'    3 ?                   
primary 'Park, H.'     4 ?                   
primary 'Fujiwara, S.' 5 ?                   
primary 'Kanazawa, H.' 6 ?                   
primary 'Ono, A.'      7 ?                   
primary 'Kondo, J.'    8 0000-0002-5682-3685 
# 
loop_
_entity.id 
_entity.type 
_entity.src_method 
_entity.pdbx_description 
_entity.formula_weight 
_entity.pdbx_number_of_molecules 
_entity.pdbx_ec 
_entity.pdbx_mutation 
_entity.pdbx_fragment 
_entity.details 
1 polymer     syn 
;DNA (5'-D(*GP*GP*AP*GP*TP*XP*XP*AP*CP*TP*CP*C)-3')
;
3715.552 2 ? ? ? ? 
2 non-polymer syn 'GOLD ION'                                           196.967  2 ? ? ? ? 
# 
_entity_poly.entity_id                      1 
_entity_poly.type                           polydeoxyribonucleotide 
_entity_poly.nstd_linkage                   no 
_entity_poly.nstd_monomer                   yes 
_entity_poly.pdbx_seq_one_letter_code       '(DG)(DG)(DA)(DG)(DT)(A1L9Q)(A1L9Q)(DA)(DC)(DT)(DC)(DC)' 
_entity_poly.pdbx_seq_one_letter_code_can   GGAGTXXACTCC 
_entity_poly.pdbx_strand_id                 A,B 
_entity_poly.pdbx_target_identifier         ? 
# 
_pdbx_entity_nonpoly.entity_id   2 
_pdbx_entity_nonpoly.name        'GOLD ION' 
_pdbx_entity_nonpoly.comp_id     AU 
# 
loop_
_entity_poly_seq.entity_id 
_entity_poly_seq.num 
_entity_poly_seq.mon_id 
_entity_poly_seq.hetero 
1 1  DG    n 
1 2  DG    n 
1 3  DA    n 
1 4  DG    n 
1 5  DT    n 
1 6  A1L9Q n 
1 7  A1L9Q n 
1 8  DA    n 
1 9  DC    n 
1 10 DT    n 
1 11 DC    n 
1 12 DC    n 
# 
_pdbx_entity_src_syn.entity_id              1 
_pdbx_entity_src_syn.pdbx_src_id            1 
_pdbx_entity_src_syn.pdbx_alt_source_flag   sample 
_pdbx_entity_src_syn.pdbx_beg_seq_num       1 
_pdbx_entity_src_syn.pdbx_end_seq_num       12 
_pdbx_entity_src_syn.organism_scientific    'synthetic construct' 
_pdbx_entity_src_syn.organism_common_name   ? 
_pdbx_entity_src_syn.ncbi_taxonomy_id       32630 
_pdbx_entity_src_syn.details                ? 
# 
loop_
_chem_comp.id 
_chem_comp.type 
_chem_comp.mon_nstd_flag 
_chem_comp.name 
_chem_comp.pdbx_synonyms 
_chem_comp.formula 
_chem_comp.formula_weight 
A1L9Q 'RNA linking' . 
;4-azanyl-1-[(2~{R},3~{R},4~{R},5~{R})-3-methoxy-4-oxidanyl-5-[[tris(oxidanyl)-$l^{5}-phosphanyl]oxymethyl]oxolan-2-yl]pyrimidine-2-thione
;
? 'C10 H16 N3 O7 P S' 353.289 
AU    non-polymer   . 'GOLD ION' ? 'Au 1'              196.967 
DA    'DNA linking' y "2'-DEOXYADENOSINE-5'-MONOPHOSPHATE" ? 'C10 H14 N5 O6 P'   331.222 
DC    'DNA linking' y "2'-DEOXYCYTIDINE-5'-MONOPHOSPHATE" ? 'C9 H14 N3 O7 P'    307.197 
DG    'DNA linking' y "2'-DEOXYGUANOSINE-5'-MONOPHOSPHATE" ? 'C10 H14 N5 O7 P'   347.221 
DT    'DNA linking' y "THYMIDINE-5'-MONOPHOSPHATE" ? 'C10 H15 N2 O8 P'   322.208 
# 
loop_
_pdbx_poly_seq_scheme.asym_id 
_pdbx_poly_seq_scheme.entity_id 
_pdbx_poly_seq_scheme.seq_id 
_pdbx_poly_seq_scheme.mon_id 
_pdbx_poly_seq_scheme.ndb_seq_num 
_pdbx_poly_seq_scheme.pdb_seq_num 
_pdbx_poly_seq_scheme.auth_seq_num 
_pdbx_poly_seq_scheme.pdb_mon_id 
_pdbx_poly_seq_scheme.auth_mon_id 
_pdbx_poly_seq_scheme.pdb_strand_id 
_pdbx_poly_seq_scheme.pdb_ins_code 
_pdbx_poly_seq_scheme.hetero 
A 1 1  DG    1  1  1  DG    DG  A . n 
A 1 2  DG    2  2  2  DG    DG  A . n 
A 1 3  DA    3  3  3  DA    DA  A . n 
A 1 4  DG    4  4  4  DG    DG  A . n 
A 1 5  DT    5  5  5  DT    DT  A . n 
A 1 6  A1L9Q 6  6  6  A1L9Q TCY A . n 
A 1 7  A1L9Q 7  7  7  A1L9Q TCY A . n 
A 1 8  DA    8  8  8  DA    DA  A . n 
A 1 9  DC    9  9  9  DC    DC  A . n 
A 1 10 DT    10 10 10 DT    DT  A . n 
A 1 11 DC    11 11 11 DC    DC  A . n 
A 1 12 DC    12 12 12 DC    DC  A . n 
B 1 1  DG    1  1  1  DG    DG  B . n 
B 1 2  DG    2  2  2  DG    DG  B . n 
B 1 3  DA    3  3  3  DA    DA  B . n 
B 1 4  DG    4  4  4  DG    DG  B . n 
B 1 5  DT    5  5  5  DT    DT  B . n 
B 1 6  A1L9Q 6  6  6  A1L9Q TCY B . n 
B 1 7  A1L9Q 7  7  7  A1L9Q TCY B . n 
B 1 8  DA    8  8  8  DA    DA  B . n 
B 1 9  DC    9  9  9  DC    DC  B . n 
B 1 10 DT    10 10 10 DT    DT  B . n 
B 1 11 DC    11 11 11 DC    DC  B . n 
B 1 12 DC    12 12 12 DC    DC  B . n 
# 
_pdbx_entity_instance_feature.ordinal        1 
_pdbx_entity_instance_feature.comp_id        AU 
_pdbx_entity_instance_feature.asym_id        ? 
_pdbx_entity_instance_feature.seq_num        ? 
_pdbx_entity_instance_feature.auth_comp_id   AU 
_pdbx_entity_instance_feature.auth_asym_id   ? 
_pdbx_entity_instance_feature.auth_seq_num   ? 
_pdbx_entity_instance_feature.feature_type   'SUBJECT OF INVESTIGATION' 
_pdbx_entity_instance_feature.details        ? 
# 
loop_
_pdbx_nonpoly_scheme.asym_id 
_pdbx_nonpoly_scheme.entity_id 
_pdbx_nonpoly_scheme.mon_id 
_pdbx_nonpoly_scheme.ndb_seq_num 
_pdbx_nonpoly_scheme.pdb_seq_num 
_pdbx_nonpoly_scheme.auth_seq_num 
_pdbx_nonpoly_scheme.pdb_mon_id 
_pdbx_nonpoly_scheme.auth_mon_id 
_pdbx_nonpoly_scheme.pdb_strand_id 
_pdbx_nonpoly_scheme.pdb_ins_code 
C 2 AU 1 101 2 AU AU A . 
D 2 AU 1 101 1 AU AU B . 
# 
loop_
_software.citation_id 
_software.classification 
_software.compiler_name 
_software.compiler_version 
_software.contact_author 
_software.contact_author_email 
_software.date 
_software.description 
_software.dependencies 
_software.hardware 
_software.language 
_software.location 
_software.mods 
_software.name 
_software.os 
_software.os_version 
_software.type 
_software.version 
_software.pdbx_reference_DOI 
_software.pdbx_ordinal 
? refinement        ? ? ? ? ? ? ? ? ? ? ? PHENIX      ? ? ? '(1.20.1_4487: ???)' ? 1 
? 'data scaling'    ? ? ? ? ? ? ? ? ? ? ? XSCALE      ? ? ? .                    ? 2 
? 'data extraction' ? ? ? ? ? ? ? ? ? ? ? PDB_EXTRACT ? ? ? .                    ? 3 
? phasing           ? ? ? ? ? ? ? ? ? ? ? AutoSol     ? ? ? .                    ? 4 
# 
_cell.angle_alpha                  90.00 
_cell.angle_alpha_esd              ? 
_cell.angle_beta                   90.00 
_cell.angle_beta_esd               ? 
_cell.angle_gamma                  120.00 
_cell.angle_gamma_esd              ? 
_cell.entry_id                     9UYT 
_cell.details                      ? 
_cell.formula_units_Z              ? 
_cell.length_a                     35.795 
_cell.length_a_esd                 ? 
_cell.length_b                     35.795 
_cell.length_b_esd                 ? 
_cell.length_c                     61.015 
_cell.length_c_esd                 ? 
_cell.volume                       ? 
_cell.volume_esd                   ? 
_cell.Z_PDB                        6 
_cell.reciprocal_angle_alpha       ? 
_cell.reciprocal_angle_beta        ? 
_cell.reciprocal_angle_gamma       ? 
_cell.reciprocal_angle_alpha_esd   ? 
_cell.reciprocal_angle_beta_esd    ? 
_cell.reciprocal_angle_gamma_esd   ? 
_cell.reciprocal_length_a          ? 
_cell.reciprocal_length_b          ? 
_cell.reciprocal_length_c          ? 
_cell.reciprocal_length_a_esd      ? 
_cell.reciprocal_length_b_esd      ? 
_cell.reciprocal_length_c_esd      ? 
_cell.pdbx_unique_axis             ? 
_cell.pdbx_esd_method              ? 
# 
_symmetry.entry_id                         9UYT 
_symmetry.cell_setting                     ? 
_symmetry.Int_Tables_number                144 
_symmetry.space_group_name_Hall            ? 
_symmetry.space_group_name_H-M             'P 31' 
_symmetry.pdbx_full_space_group_name_H-M   ? 
# 
_exptl.absorpt_coefficient_mu     ? 
_exptl.absorpt_correction_T_max   ? 
_exptl.absorpt_correction_T_min   ? 
_exptl.absorpt_correction_type    ? 
_exptl.absorpt_process_details    ? 
_exptl.entry_id                   9UYT 
_exptl.crystals_number            1 
_exptl.details                    ? 
_exptl.method                     'X-RAY DIFFRACTION' 
_exptl.method_details             ? 
# 
_exptl_crystal.colour                       ? 
_exptl_crystal.density_diffrn               ? 
_exptl_crystal.density_Matthews             2.59 
_exptl_crystal.density_method               ? 
_exptl_crystal.density_percent_sol          52.45 
_exptl_crystal.description                  ? 
_exptl_crystal.F_000                        ? 
_exptl_crystal.id                           1 
_exptl_crystal.preparation                  ? 
_exptl_crystal.size_max                     ? 
_exptl_crystal.size_mid                     ? 
_exptl_crystal.size_min                     ? 
_exptl_crystal.size_rad                     ? 
_exptl_crystal.colour_lustre                ? 
_exptl_crystal.colour_modifier              ? 
_exptl_crystal.colour_primary               ? 
_exptl_crystal.density_meas                 ? 
_exptl_crystal.density_meas_esd             ? 
_exptl_crystal.density_meas_gt              ? 
_exptl_crystal.density_meas_lt              ? 
_exptl_crystal.density_meas_temp            ? 
_exptl_crystal.density_meas_temp_esd        ? 
_exptl_crystal.density_meas_temp_gt         ? 
_exptl_crystal.density_meas_temp_lt         ? 
_exptl_crystal.pdbx_crystal_image_url       ? 
_exptl_crystal.pdbx_crystal_image_format    ? 
_exptl_crystal.pdbx_mosaicity               ? 
_exptl_crystal.pdbx_mosaicity_esd           ? 
_exptl_crystal.pdbx_mosaic_method           ? 
_exptl_crystal.pdbx_mosaic_block_size       ? 
_exptl_crystal.pdbx_mosaic_block_size_esd   ? 
# 
_exptl_crystal_grow.apparatus       ? 
_exptl_crystal_grow.atmosphere      ? 
_exptl_crystal_grow.crystal_id      1 
_exptl_crystal_grow.details         ? 
_exptl_crystal_grow.method          'VAPOR DIFFUSION, SITTING DROP' 
_exptl_crystal_grow.method_ref      ? 
_exptl_crystal_grow.pH              ? 
_exptl_crystal_grow.pressure        ? 
_exptl_crystal_grow.pressure_esd    ? 
_exptl_crystal_grow.seeding         ? 
_exptl_crystal_grow.seeding_ref     ? 
_exptl_crystal_grow.temp_details    ? 
_exptl_crystal_grow.temp_esd        ? 
_exptl_crystal_grow.time            ? 
_exptl_crystal_grow.pdbx_details    'MOPs, Spermine,KNO3,MPD' 
_exptl_crystal_grow.pdbx_pH_range   ? 
_exptl_crystal_grow.temp            293 
# 
_diffrn.ambient_environment              ? 
_diffrn.ambient_temp                     100 
_diffrn.ambient_temp_details             ? 
_diffrn.ambient_temp_esd                 ? 
_diffrn.crystal_id                       1 
_diffrn.crystal_support                  ? 
_diffrn.crystal_treatment                ? 
_diffrn.details                          ? 
_diffrn.id                               1 
_diffrn.ambient_pressure                 ? 
_diffrn.ambient_pressure_esd             ? 
_diffrn.ambient_pressure_gt              ? 
_diffrn.ambient_pressure_lt              ? 
_diffrn.ambient_temp_gt                  ? 
_diffrn.ambient_temp_lt                  ? 
_diffrn.pdbx_serial_crystal_experiment   N 
# 
_diffrn_detector.details                      ? 
_diffrn_detector.detector                     PIXEL 
_diffrn_detector.diffrn_id                    1 
_diffrn_detector.type                         'DECTRIS PILATUS3 S 6M' 
_diffrn_detector.area_resol_mean              ? 
_diffrn_detector.dtime                        ? 
_diffrn_detector.pdbx_frames_total            ? 
_diffrn_detector.pdbx_collection_time_total   ? 
_diffrn_detector.pdbx_collection_date         2024-10-14 
_diffrn_detector.pdbx_frequency               ? 
_diffrn_detector.id                           ? 
_diffrn_detector.number_of_axes               ? 
# 
_diffrn_radiation.collimation                      ? 
_diffrn_radiation.diffrn_id                        1 
_diffrn_radiation.filter_edge                      ? 
_diffrn_radiation.inhomogeneity                    ? 
_diffrn_radiation.monochromator                    ? 
_diffrn_radiation.polarisn_norm                    ? 
_diffrn_radiation.polarisn_ratio                   ? 
_diffrn_radiation.probe                            ? 
_diffrn_radiation.type                             ? 
_diffrn_radiation.xray_symbol                      ? 
_diffrn_radiation.wavelength_id                    1 
_diffrn_radiation.pdbx_monochromatic_or_laue_m_l   M 
_diffrn_radiation.pdbx_wavelength_list             ? 
_diffrn_radiation.pdbx_wavelength                  ? 
_diffrn_radiation.pdbx_diffrn_protocol             'SINGLE WAVELENGTH' 
_diffrn_radiation.pdbx_analyzer                    ? 
_diffrn_radiation.pdbx_scattering_type             x-ray 
# 
_diffrn_radiation_wavelength.id           1 
_diffrn_radiation_wavelength.wavelength   1.03932 
_diffrn_radiation_wavelength.wt           1.0 
# 
_diffrn_source.current                     ? 
_diffrn_source.details                     ? 
_diffrn_source.diffrn_id                   1 
_diffrn_source.power                       ? 
_diffrn_source.size                        ? 
_diffrn_source.source                      SYNCHROTRON 
_diffrn_source.target                      ? 
_diffrn_source.type                        'PHOTON FACTORY BEAMLINE BL-5A' 
_diffrn_source.voltage                     ? 
_diffrn_source.take-off_angle              ? 
_diffrn_source.pdbx_wavelength_list        1.03932 
_diffrn_source.pdbx_wavelength             ? 
_diffrn_source.pdbx_synchrotron_beamline   BL-5A 
_diffrn_source.pdbx_synchrotron_site       'Photon Factory' 
# 
_reflns.B_iso_Wilson_estimate                          ? 
_reflns.entry_id                                       9UYT 
_reflns.data_reduction_details                         ? 
_reflns.data_reduction_method                          ? 
_reflns.d_resolution_high                              2.51 
_reflns.d_resolution_low                               31.0 
_reflns.details                                        ? 
_reflns.limit_h_max                                    ? 
_reflns.limit_h_min                                    ? 
_reflns.limit_k_max                                    ? 
_reflns.limit_k_min                                    ? 
_reflns.limit_l_max                                    ? 
_reflns.limit_l_min                                    ? 
_reflns.number_all                                     ? 
_reflns.number_obs                                     5946 
_reflns.observed_criterion                             ? 
_reflns.observed_criterion_F_max                       ? 
_reflns.observed_criterion_F_min                       ? 
_reflns.observed_criterion_I_max                       ? 
_reflns.observed_criterion_I_min                       ? 
_reflns.observed_criterion_sigma_F                     ? 
_reflns.observed_criterion_sigma_I                     ? 
_reflns.percent_possible_obs                           99.9 
_reflns.R_free_details                                 ? 
_reflns.Rmerge_F_all                                   ? 
_reflns.Rmerge_F_obs                                   ? 
_reflns.Friedel_coverage                               ? 
_reflns.number_gt                                      ? 
_reflns.threshold_expression                           ? 
_reflns.pdbx_redundancy                                5.2 
_reflns.pdbx_netI_over_av_sigmaI                       ? 
_reflns.pdbx_netI_over_sigmaI                          31.27 
_reflns.pdbx_res_netI_over_av_sigmaI_2                 ? 
_reflns.pdbx_res_netI_over_sigmaI_2                    ? 
_reflns.pdbx_chi_squared                               ? 
_reflns.pdbx_scaling_rejects                           ? 
_reflns.pdbx_d_res_high_opt                            ? 
_reflns.pdbx_d_res_low_opt                             ? 
_reflns.pdbx_d_res_opt_method                          ? 
_reflns.phase_calculation_details                      ? 
_reflns.pdbx_Rrim_I_all                                0.034 
_reflns.pdbx_Rpim_I_all                                ? 
_reflns.pdbx_d_opt                                     ? 
_reflns.pdbx_number_measured_all                       ? 
_reflns.pdbx_diffrn_id                                 1 
_reflns.pdbx_ordinal                                   1 
_reflns.pdbx_CC_half                                   1.0 
_reflns.pdbx_CC_star                                   ? 
_reflns.pdbx_R_split                                   ? 
_reflns.pdbx_Rmerge_I_obs                              0.031 
_reflns.pdbx_Rmerge_I_all                              ? 
_reflns.pdbx_Rsym_value                                ? 
_reflns.pdbx_CC_split_method                           ? 
_reflns.pdbx_aniso_diffraction_limit_axis_1_ortho[1]   ? 
_reflns.pdbx_aniso_diffraction_limit_axis_1_ortho[2]   ? 
_reflns.pdbx_aniso_diffraction_limit_axis_1_ortho[3]   ? 
_reflns.pdbx_aniso_diffraction_limit_axis_2_ortho[1]   ? 
_reflns.pdbx_aniso_diffraction_limit_axis_2_ortho[2]   ? 
_reflns.pdbx_aniso_diffraction_limit_axis_2_ortho[3]   ? 
_reflns.pdbx_aniso_diffraction_limit_axis_3_ortho[1]   ? 
_reflns.pdbx_aniso_diffraction_limit_axis_3_ortho[2]   ? 
_reflns.pdbx_aniso_diffraction_limit_axis_3_ortho[3]   ? 
_reflns.pdbx_aniso_diffraction_limit_1                 ? 
_reflns.pdbx_aniso_diffraction_limit_2                 ? 
_reflns.pdbx_aniso_diffraction_limit_3                 ? 
_reflns.pdbx_aniso_B_tensor_eigenvector_1_ortho[1]     ? 
_reflns.pdbx_aniso_B_tensor_eigenvector_1_ortho[2]     ? 
_reflns.pdbx_aniso_B_tensor_eigenvector_1_ortho[3]     ? 
_reflns.pdbx_aniso_B_tensor_eigenvector_2_ortho[1]     ? 
_reflns.pdbx_aniso_B_tensor_eigenvector_2_ortho[2]     ? 
_reflns.pdbx_aniso_B_tensor_eigenvector_2_ortho[3]     ? 
_reflns.pdbx_aniso_B_tensor_eigenvector_3_ortho[1]     ? 
_reflns.pdbx_aniso_B_tensor_eigenvector_3_ortho[2]     ? 
_reflns.pdbx_aniso_B_tensor_eigenvector_3_ortho[3]     ? 
_reflns.pdbx_aniso_B_tensor_eigenvalue_1               ? 
_reflns.pdbx_aniso_B_tensor_eigenvalue_2               ? 
_reflns.pdbx_aniso_B_tensor_eigenvalue_3               ? 
_reflns.pdbx_orthogonalization_convention              ? 
_reflns.pdbx_percent_possible_ellipsoidal              ? 
_reflns.pdbx_percent_possible_spherical                ? 
_reflns.pdbx_percent_possible_ellipsoidal_anomalous    ? 
_reflns.pdbx_percent_possible_spherical_anomalous      ? 
_reflns.pdbx_redundancy_anomalous                      ? 
_reflns.pdbx_CC_half_anomalous                         ? 
_reflns.pdbx_absDiff_over_sigma_anomalous              ? 
_reflns.pdbx_percent_possible_anomalous                ? 
_reflns.pdbx_observed_signal_threshold                 ? 
_reflns.pdbx_signal_type                               ? 
_reflns.pdbx_signal_details                            ? 
_reflns.pdbx_signal_software_id                        ? 
# 
loop_
_reflns_shell.d_res_high 
_reflns_shell.d_res_low 
_reflns_shell.meanI_over_sigI_all 
_reflns_shell.meanI_over_sigI_obs 
_reflns_shell.number_measured_all 
_reflns_shell.number_measured_obs 
_reflns_shell.number_possible 
_reflns_shell.number_unique_all 
_reflns_shell.number_unique_obs 
_reflns_shell.percent_possible_obs 
_reflns_shell.Rmerge_F_all 
_reflns_shell.Rmerge_F_obs 
_reflns_shell.meanI_over_sigI_gt 
_reflns_shell.meanI_over_uI_all 
_reflns_shell.meanI_over_uI_gt 
_reflns_shell.number_measured_gt 
_reflns_shell.number_unique_gt 
_reflns_shell.percent_possible_gt 
_reflns_shell.Rmerge_F_gt 
_reflns_shell.Rmerge_I_gt 
_reflns_shell.pdbx_redundancy 
_reflns_shell.pdbx_chi_squared 
_reflns_shell.pdbx_netI_over_sigmaI_all 
_reflns_shell.pdbx_netI_over_sigmaI_obs 
_reflns_shell.pdbx_Rrim_I_all 
_reflns_shell.pdbx_Rpim_I_all 
_reflns_shell.pdbx_rejects 
_reflns_shell.pdbx_ordinal 
_reflns_shell.pdbx_diffrn_id 
_reflns_shell.pdbx_CC_half 
_reflns_shell.pdbx_CC_star 
_reflns_shell.pdbx_R_split 
_reflns_shell.percent_possible_all 
_reflns_shell.Rmerge_I_all 
_reflns_shell.Rmerge_I_obs 
_reflns_shell.pdbx_Rsym_value 
_reflns_shell.pdbx_percent_possible_ellipsoidal 
_reflns_shell.pdbx_percent_possible_spherical 
_reflns_shell.pdbx_percent_possible_ellipsoidal_anomalous 
_reflns_shell.pdbx_percent_possible_spherical_anomalous 
_reflns_shell.pdbx_redundancy_anomalous 
_reflns_shell.pdbx_CC_half_anomalous 
_reflns_shell.pdbx_absDiff_over_sigma_anomalous 
_reflns_shell.pdbx_percent_possible_anomalous 
2.51  2.58  ? ? ? ? ? ? 456 ? ? ? ? ? ? ? ? ? ? ? ? ? ? ? 0.36  ? ? 1  1 0.947 ? ? ? ? 0.321 ? ? ? ? ? ? ? ? ? 
2.58  2.65  ? ? ? ? ? ? 402 ? ? ? ? ? ? ? ? ? ? ? ? ? ? ? 0.21  ? ? 2  1 0.98  ? ? ? ? 0.187 ? ? ? ? ? ? ? ? ? 
2.65  2.73  ? ? ? ? ? ? 440 ? ? ? ? ? ? ? ? ? ? ? ? ? ? ? 0.194 ? ? 3  1 0.988 ? ? ? ? 0.175 ? ? ? ? ? ? ? ? ? 
2.73  2.81  ? ? ? ? ? ? 400 ? ? ? ? ? ? ? ? ? ? ? ? ? ? ? 0.145 ? ? 4  1 0.993 ? ? ? ? 0.131 ? ? ? ? ? ? ? ? ? 
2.81  2.9   ? ? ? ? ? ? 378 ? ? ? ? ? ? ? ? ? ? ? ? ? ? ? 0.111 ? ? 5  1 0.996 ? ? ? ? 0.1   ? ? ? ? ? ? ? ? ? 
2.90  3.0   ? ? ? ? ? ? 392 ? ? ? ? ? ? ? ? ? ? ? ? ? ? ? 0.094 ? ? 6  1 0.998 ? ? ? ? 0.085 ? ? ? ? ? ? ? ? ? 
3.00  3.12  ? ? ? ? ? ? 358 ? ? ? ? ? ? ? ? ? ? ? ? ? ? ? 0.048 ? ? 7  1 0.999 ? ? ? ? 0.043 ? ? ? ? ? ? ? ? ? 
3.12  3.25  ? ? ? ? ? ? 388 ? ? ? ? ? ? ? ? ? ? ? ? ? ? ? 0.037 ? ? 8  1 1.0   ? ? ? ? 0.034 ? ? ? ? ? ? ? ? ? 
3.25  3.39  ? ? ? ? ? ? 298 ? ? ? ? ? ? ? ? ? ? ? ? ? ? ? 0.029 ? ? 9  1 1.0   ? ? ? ? 0.026 ? ? ? ? ? ? ? ? ? 
3.39  3.56  ? ? ? ? ? ? 345 ? ? ? ? ? ? ? ? ? ? ? ? ? ? ? 0.031 ? ? 10 1 0.999 ? ? ? ? 0.027 ? ? ? ? ? ? ? ? ? 
3.56  3.75  ? ? ? ? ? ? 294 ? ? ? ? ? ? ? ? ? ? ? ? ? ? ? 0.029 ? ? 11 1 1.0   ? ? ? ? 0.026 ? ? ? ? ? ? ? ? ? 
3.75  3.98  ? ? ? ? ? ? 313 ? ? ? ? ? ? ? ? ? ? ? ? ? ? ? 0.029 ? ? 12 1 1.0   ? ? ? ? 0.026 ? ? ? ? ? ? ? ? ? 
3.98  4.25  ? ? ? ? ? ? 230 ? ? ? ? ? ? ? ? ? ? ? ? ? ? ? 0.025 ? ? 13 1 1.0   ? ? ? ? 0.023 ? ? ? ? ? ? ? ? ? 
4.25  4.59  ? ? ? ? ? ? 268 ? ? ? ? ? ? ? ? ? ? ? ? ? ? ? 0.028 ? ? 14 1 0.999 ? ? ? ? 0.025 ? ? ? ? ? ? ? ? ? 
4.59  5.03  ? ? ? ? ? ? 248 ? ? ? ? ? ? ? ? ? ? ? ? ? ? ? 0.03  ? ? 15 1 0.999 ? ? ? ? 0.027 ? ? ? ? ? ? ? ? ? 
5.03  5.62  ? ? ? ? ? ? 196 ? ? ? ? ? ? ? ? ? ? ? ? ? ? ? 0.031 ? ? 16 1 0.998 ? ? ? ? 0.028 ? ? ? ? ? ? ? ? ? 
5.62  6.49  ? ? ? ? ? ? 192 ? ? ? ? ? ? ? ? ? ? ? ? ? ? ? 0.029 ? ? 17 1 0.999 ? ? ? ? 0.026 ? ? ? ? ? ? ? ? ? 
6.49  7.95  ? ? ? ? ? ? 168 ? ? ? ? ? ? ? ? ? ? ? ? ? ? ? 0.028 ? ? 18 1 0.999 ? ? ? ? 0.025 ? ? ? ? ? ? ? ? ? 
7.95  11.24 ? ? ? ? ? ? 114 ? ? ? ? ? ? ? ? ? ? ? ? ? ? ? 0.029 ? ? 19 1 0.999 ? ? ? ? 0.026 ? ? ? ? ? ? ? ? ? 
11.24 31.0  ? ? ? ? ? ? 66  ? ? ? ? ? ? ? ? ? ? ? ? ? ? ? 0.028 ? ? 20 1 0.999 ? ? ? ? 0.025 ? ? ? ? ? ? ? ? ? 
# 
_refine.aniso_B[1][1]                            ? 
_refine.aniso_B[1][2]                            ? 
_refine.aniso_B[1][3]                            ? 
_refine.aniso_B[2][2]                            ? 
_refine.aniso_B[2][3]                            ? 
_refine.aniso_B[3][3]                            ? 
_refine.B_iso_max                                ? 
_refine.B_iso_mean                               ? 
_refine.B_iso_min                                ? 
_refine.correlation_coeff_Fo_to_Fc               ? 
_refine.correlation_coeff_Fo_to_Fc_free          ? 
_refine.details                                  ? 
_refine.diff_density_max                         ? 
_refine.diff_density_max_esd                     ? 
_refine.diff_density_min                         ? 
_refine.diff_density_min_esd                     ? 
_refine.diff_density_rms                         ? 
_refine.diff_density_rms_esd                     ? 
_refine.entry_id                                 9UYT 
_refine.pdbx_refine_id                           'X-RAY DIFFRACTION' 
_refine.ls_abs_structure_details                 ? 
_refine.ls_abs_structure_Flack                   ? 
_refine.ls_abs_structure_Flack_esd               ? 
_refine.ls_abs_structure_Rogers                  ? 
_refine.ls_abs_structure_Rogers_esd              ? 
_refine.ls_d_res_high                            2.51 
_refine.ls_d_res_low                             31.00 
_refine.ls_extinction_coef                       ? 
_refine.ls_extinction_coef_esd                   ? 
_refine.ls_extinction_expression                 ? 
_refine.ls_extinction_method                     ? 
_refine.ls_goodness_of_fit_all                   ? 
_refine.ls_goodness_of_fit_all_esd               ? 
_refine.ls_goodness_of_fit_obs                   ? 
_refine.ls_goodness_of_fit_obs_esd               ? 
_refine.ls_hydrogen_treatment                    ? 
_refine.ls_matrix_type                           ? 
_refine.ls_number_constraints                    ? 
_refine.ls_number_parameters                     ? 
_refine.ls_number_reflns_all                     ? 
_refine.ls_number_reflns_obs                     5925 
_refine.ls_number_reflns_R_free                  579 
_refine.ls_number_reflns_R_work                  ? 
_refine.ls_number_restraints                     ? 
_refine.ls_percent_reflns_obs                    99.51 
_refine.ls_percent_reflns_R_free                 9.77 
_refine.ls_R_factor_all                          ? 
_refine.ls_R_factor_obs                          0.1771 
_refine.ls_R_factor_R_free                       0.2075 
_refine.ls_R_factor_R_free_error                 ? 
_refine.ls_R_factor_R_free_error_details         ? 
_refine.ls_R_factor_R_work                       0.1738 
_refine.ls_R_Fsqd_factor_obs                     ? 
_refine.ls_R_I_factor_obs                        ? 
_refine.ls_redundancy_reflns_all                 ? 
_refine.ls_redundancy_reflns_obs                 ? 
_refine.ls_restrained_S_all                      ? 
_refine.ls_restrained_S_obs                      ? 
_refine.ls_shift_over_esd_max                    ? 
_refine.ls_shift_over_esd_mean                   ? 
_refine.ls_structure_factor_coef                 ? 
_refine.ls_weighting_details                     ? 
_refine.ls_weighting_scheme                      ? 
_refine.ls_wR_factor_all                         ? 
_refine.ls_wR_factor_obs                         ? 
_refine.ls_wR_factor_R_free                      ? 
_refine.ls_wR_factor_R_work                      ? 
_refine.occupancy_max                            ? 
_refine.occupancy_min                            ? 
_refine.solvent_model_details                    'FLAT BULK SOLVENT MODEL' 
_refine.solvent_model_param_bsol                 ? 
_refine.solvent_model_param_ksol                 ? 
_refine.correlation_coeff_I_to_Fcsqd_work        ? 
_refine.correlation_coeff_I_to_Fcsqd_free        ? 
_refine.pdbx_R_complete                          ? 
_refine.ls_R_factor_gt                           ? 
_refine.ls_goodness_of_fit_gt                    ? 
_refine.ls_goodness_of_fit_ref                   ? 
_refine.ls_shift_over_su_max                     ? 
_refine.ls_shift_over_su_max_lt                  ? 
_refine.ls_shift_over_su_mean                    ? 
_refine.ls_shift_over_su_mean_lt                 ? 
_refine.pdbx_ls_sigma_I                          ? 
_refine.pdbx_ls_sigma_F                          2.00 
_refine.pdbx_ls_sigma_Fsqd                       ? 
_refine.pdbx_data_cutoff_high_absF               ? 
_refine.pdbx_data_cutoff_high_rms_absF           ? 
_refine.pdbx_data_cutoff_low_absF                ? 
_refine.pdbx_isotropic_thermal_model             ? 
_refine.pdbx_ls_cross_valid_method               'FREE R-VALUE' 
_refine.pdbx_method_to_determine_struct          SAD 
_refine.pdbx_starting_model                      ? 
_refine.pdbx_stereochemistry_target_values       ML 
_refine.pdbx_R_Free_selection_details            ? 
_refine.pdbx_stereochem_target_val_spec_case     ? 
_refine.pdbx_overall_ESU_R                       ? 
_refine.pdbx_overall_ESU_R_Free                  ? 
_refine.pdbx_solvent_vdw_probe_radii             1.10 
_refine.pdbx_solvent_ion_probe_radii             ? 
_refine.pdbx_solvent_shrinkage_radii             0.90 
_refine.pdbx_real_space_R                        ? 
_refine.pdbx_density_correlation                 ? 
_refine.pdbx_pd_number_of_powder_patterns        ? 
_refine.pdbx_pd_number_of_points                 ? 
_refine.pdbx_pd_meas_number_of_points            ? 
_refine.pdbx_pd_proc_ls_prof_R_factor            ? 
_refine.pdbx_pd_proc_ls_prof_wR_factor           ? 
_refine.pdbx_pd_Marquardt_correlation_coeff      ? 
_refine.pdbx_pd_Fsqrd_R_factor                   ? 
_refine.pdbx_pd_ls_matrix_band_width             ? 
_refine.pdbx_overall_phase_error                 33.30 
_refine.pdbx_overall_SU_R_free_Cruickshank_DPI   ? 
_refine.pdbx_overall_SU_R_free_Blow_DPI          ? 
_refine.pdbx_overall_SU_R_Blow_DPI               ? 
_refine.pdbx_TLS_residual_ADP_flag               ? 
_refine.pdbx_diffrn_id                           1 
_refine.overall_SU_B                             ? 
_refine.overall_SU_ML                            0.11 
_refine.overall_SU_R_Cruickshank_DPI             ? 
_refine.overall_SU_R_free                        ? 
_refine.overall_FOM_free_R_set                   ? 
_refine.overall_FOM_work_R_set                   ? 
_refine.pdbx_average_fsc_overall                 ? 
_refine.pdbx_average_fsc_work                    ? 
_refine.pdbx_average_fsc_free                    ? 
# 
_refine_hist.pdbx_refine_id                   'X-RAY DIFFRACTION' 
_refine_hist.cycle_id                         LAST 
_refine_hist.details                          ? 
_refine_hist.d_res_high                       2.51 
_refine_hist.d_res_low                        31.00 
_refine_hist.number_atoms_solvent             0 
_refine_hist.number_atoms_total               490 
_refine_hist.number_reflns_all                ? 
_refine_hist.number_reflns_obs                ? 
_refine_hist.number_reflns_R_free             ? 
_refine_hist.number_reflns_R_work             ? 
_refine_hist.R_factor_all                     ? 
_refine_hist.R_factor_obs                     ? 
_refine_hist.R_factor_R_free                  ? 
_refine_hist.R_factor_R_work                  ? 
_refine_hist.pdbx_number_residues_total       ? 
_refine_hist.pdbx_B_iso_mean_ligand           ? 
_refine_hist.pdbx_B_iso_mean_solvent          ? 
_refine_hist.pdbx_number_atoms_protein        0 
_refine_hist.pdbx_number_atoms_nucleic_acid   488 
_refine_hist.pdbx_number_atoms_ligand         2 
_refine_hist.pdbx_number_atoms_lipid          ? 
_refine_hist.pdbx_number_atoms_carb           ? 
_refine_hist.pdbx_pseudo_atom_details         ? 
# 
loop_
_refine_ls_restr.pdbx_refine_id 
_refine_ls_restr.criterion 
_refine_ls_restr.dev_ideal 
_refine_ls_restr.dev_ideal_target 
_refine_ls_restr.number 
_refine_ls_restr.rejects 
_refine_ls_restr.type 
_refine_ls_restr.weight 
_refine_ls_restr.pdbx_Zscore 
_refine_ls_restr.pdbx_restraint_function 
'X-RAY DIFFRACTION' ? 0.009  ? 544 ? f_bond_d           ? ? ? 
'X-RAY DIFFRACTION' ? 1.064  ? 834 ? f_angle_d          ? ? ? 
'X-RAY DIFFRACTION' ? 16.567 ? 208 ? f_dihedral_angle_d ? ? ? 
'X-RAY DIFFRACTION' ? 0.039  ? 94  ? f_chiral_restr     ? ? ? 
'X-RAY DIFFRACTION' ? 0.005  ? 24  ? f_plane_restr      ? ? ? 
# 
loop_
_refine_ls_shell.pdbx_refine_id 
_refine_ls_shell.d_res_high 
_refine_ls_shell.d_res_low 
_refine_ls_shell.number_reflns_all 
_refine_ls_shell.number_reflns_obs 
_refine_ls_shell.number_reflns_R_free 
_refine_ls_shell.number_reflns_R_work 
_refine_ls_shell.percent_reflns_obs 
_refine_ls_shell.percent_reflns_R_free 
_refine_ls_shell.R_factor_all 
_refine_ls_shell.R_factor_obs 
_refine_ls_shell.R_factor_R_free_error 
_refine_ls_shell.R_factor_R_work 
_refine_ls_shell.redundancy_reflns_all 
_refine_ls_shell.redundancy_reflns_obs 
_refine_ls_shell.wR_factor_all 
_refine_ls_shell.wR_factor_obs 
_refine_ls_shell.wR_factor_R_free 
_refine_ls_shell.wR_factor_R_work 
_refine_ls_shell.pdbx_R_complete 
_refine_ls_shell.correlation_coeff_Fo_to_Fc 
_refine_ls_shell.correlation_coeff_Fo_to_Fc_free 
_refine_ls_shell.correlation_coeff_I_to_Fcsqd_work 
_refine_ls_shell.correlation_coeff_I_to_Fcsqd_free 
_refine_ls_shell.pdbx_total_number_of_bins_used 
_refine_ls_shell.pdbx_phase_error 
_refine_ls_shell.pdbx_fsc_work 
_refine_ls_shell.pdbx_fsc_free 
_refine_ls_shell.R_factor_R_free 
'X-RAY DIFFRACTION' 2.51 2.77  . . 152 1346 100.00 . . . . 0.3384 . . . . . . . . . . . . . . . 0.3568 
'X-RAY DIFFRACTION' 2.77 3.17  . . 138 1316 100.00 . . . . 0.2761 . . . . . . . . . . . . . . . 0.3672 
'X-RAY DIFFRACTION' 3.17 3.98  . . 150 1346 99.00  . . . . 0.1812 . . . . . . . . . . . . . . . 0.2284 
'X-RAY DIFFRACTION' 4.01 31.00 . . 139 1338 100.00 . . . . 0.1149 . . . . . . . . . . . . . . . 0.1352 
# 
_struct.entry_id                     9UYT 
_struct.title                        'DNA duplex containing gold-mediated 2-thio-cytosine base pairs' 
_struct.pdbx_model_details           ? 
_struct.pdbx_formula_weight          ? 
_struct.pdbx_formula_weight_method   ? 
_struct.pdbx_model_type_details      ? 
_struct.pdbx_CASP_flag               N 
# 
_struct_keywords.entry_id        9UYT 
_struct_keywords.text            'DNA, gold' 
_struct_keywords.pdbx_keywords   DNA 
# 
loop_
_struct_asym.id 
_struct_asym.pdbx_blank_PDB_chainid_flag 
_struct_asym.pdbx_modified 
_struct_asym.entity_id 
_struct_asym.details 
A N N 1 ? 
B N N 1 ? 
C N N 2 ? 
D N N 2 ? 
# 
_struct_ref.id                         1 
_struct_ref.db_name                    PDB 
_struct_ref.db_code                    9UYT 
_struct_ref.pdbx_db_accession          9UYT 
_struct_ref.pdbx_db_isoform            ? 
_struct_ref.entity_id                  1 
_struct_ref.pdbx_seq_one_letter_code   ? 
_struct_ref.pdbx_align_begin           1 
# 
loop_
_struct_ref_seq.align_id 
_struct_ref_seq.ref_id 
_struct_ref_seq.pdbx_PDB_id_code 
_struct_ref_seq.pdbx_strand_id 
_struct_ref_seq.seq_align_beg 
_struct_ref_seq.pdbx_seq_align_beg_ins_code 
_struct_ref_seq.seq_align_end 
_struct_ref_seq.pdbx_seq_align_end_ins_code 
_struct_ref_seq.pdbx_db_accession 
_struct_ref_seq.db_align_beg 
_struct_ref_seq.pdbx_db_align_beg_ins_code 
_struct_ref_seq.db_align_end 
_struct_ref_seq.pdbx_db_align_end_ins_code 
_struct_ref_seq.pdbx_auth_seq_align_beg 
_struct_ref_seq.pdbx_auth_seq_align_end 
1 1 9UYT A 1 ? 12 ? 9UYT 1 ? 12 ? 1 12 
2 1 9UYT B 1 ? 12 ? 9UYT 1 ? 12 ? 1 12 
# 
_pdbx_struct_assembly.id                   1 
_pdbx_struct_assembly.details              author_and_software_defined_assembly 
_pdbx_struct_assembly.method_details       PISA 
_pdbx_struct_assembly.oligomeric_details   dimeric 
_pdbx_struct_assembly.oligomeric_count     2 
# 
loop_
_pdbx_struct_assembly_prop.biol_id 
_pdbx_struct_assembly_prop.type 
_pdbx_struct_assembly_prop.value 
_pdbx_struct_assembly_prop.details 
1 'ABSA (A^2)' 1470 ? 
1 MORE         -18  ? 
1 'SSA (A^2)'  4340 ? 
# 
_pdbx_struct_assembly_gen.assembly_id       1 
_pdbx_struct_assembly_gen.oper_expression   1 
_pdbx_struct_assembly_gen.asym_id_list      A,B,C,D 
# 
_pdbx_struct_assembly_auth_evidence.id                     1 
_pdbx_struct_assembly_auth_evidence.assembly_id            1 
_pdbx_struct_assembly_auth_evidence.experimental_support   none 
_pdbx_struct_assembly_auth_evidence.details                ? 
# 
_pdbx_struct_oper_list.id                   1 
_pdbx_struct_oper_list.type                 'identity operation' 
_pdbx_struct_oper_list.name                 1_555 
_pdbx_struct_oper_list.symmetry_operation   x,y,z 
_pdbx_struct_oper_list.matrix[1][1]         1.0000000000 
_pdbx_struct_oper_list.matrix[1][2]         0.0000000000 
_pdbx_struct_oper_list.matrix[1][3]         0.0000000000 
_pdbx_struct_oper_list.vector[1]            0.0000000000 
_pdbx_struct_oper_list.matrix[2][1]         0.0000000000 
_pdbx_struct_oper_list.matrix[2][2]         1.0000000000 
_pdbx_struct_oper_list.matrix[2][3]         0.0000000000 
_pdbx_struct_oper_list.vector[2]            0.0000000000 
_pdbx_struct_oper_list.matrix[3][1]         0.0000000000 
_pdbx_struct_oper_list.matrix[3][2]         0.0000000000 
_pdbx_struct_oper_list.matrix[3][3]         1.0000000000 
_pdbx_struct_oper_list.vector[3]            0.0000000000 
# 
loop_
_struct_conn.id 
_struct_conn.conn_type_id 
_struct_conn.pdbx_leaving_atom_flag 
_struct_conn.pdbx_PDB_id 
_struct_conn.ptnr1_label_asym_id 
_struct_conn.ptnr1_label_comp_id 
_struct_conn.ptnr1_label_seq_id 
_struct_conn.ptnr1_label_atom_id 
_struct_conn.pdbx_ptnr1_label_alt_id 
_struct_conn.pdbx_ptnr1_PDB_ins_code 
_struct_conn.pdbx_ptnr1_standard_comp_id 
_struct_conn.ptnr1_symmetry 
_struct_conn.ptnr2_label_asym_id 
_struct_conn.ptnr2_label_comp_id 
_struct_conn.ptnr2_label_seq_id 
_struct_conn.ptnr2_label_atom_id 
_struct_conn.pdbx_ptnr2_label_alt_id 
_struct_conn.pdbx_ptnr2_PDB_ins_code 
_struct_conn.ptnr1_auth_asym_id 
_struct_conn.ptnr1_auth_comp_id 
_struct_conn.ptnr1_auth_seq_id 
_struct_conn.ptnr2_auth_asym_id 
_struct_conn.ptnr2_auth_comp_id 
_struct_conn.ptnr2_auth_seq_id 
_struct_conn.ptnr2_symmetry 
_struct_conn.pdbx_ptnr3_label_atom_id 
_struct_conn.pdbx_ptnr3_label_seq_id 
_struct_conn.pdbx_ptnr3_label_comp_id 
_struct_conn.pdbx_ptnr3_label_asym_id 
_struct_conn.pdbx_ptnr3_label_alt_id 
_struct_conn.pdbx_ptnr3_PDB_ins_code 
_struct_conn.details 
_struct_conn.pdbx_dist_value 
_struct_conn.pdbx_value_order 
_struct_conn.pdbx_role 
covale1  covale one  ? A DT    5  "O3'" ? ? ? 1_555 A A1L9Q 6  P  ? ? A DT    5   A A1L9Q 6   1_555 ? ? ? ? ? ? ?            1.598 
? ? 
covale2  covale none ? A A1L9Q 6  "O3'" ? ? ? 1_555 A A1L9Q 7  P  ? ? A A1L9Q 6   A A1L9Q 7   1_555 ? ? ? ? ? ? ?            1.605 
? ? 
covale3  covale one  ? A A1L9Q 7  "O3'" ? ? ? 1_555 A DA    8  P  ? ? A A1L9Q 7   A DA    8   1_555 ? ? ? ? ? ? ?            1.609 
? ? 
covale4  covale one  ? B DT    5  "O3'" ? ? ? 1_555 B A1L9Q 6  P  ? ? B DT    5   B A1L9Q 6   1_555 ? ? ? ? ? ? ?            1.602 
? ? 
covale5  covale none ? B A1L9Q 6  "O3'" ? ? ? 1_555 B A1L9Q 7  P  ? ? B A1L9Q 6   B A1L9Q 7   1_555 ? ? ? ? ? ? ?            1.607 
? ? 
covale6  covale one  ? B A1L9Q 7  "O3'" ? ? ? 1_555 B DA    8  P  ? ? B A1L9Q 7   B DA    8   1_555 ? ? ? ? ? ? ?            1.599 
? ? 
metalc1  metalc ?    ? A A1L9Q 6  N3    ? ? ? 1_555 D AU    .  AU ? ? A A1L9Q 6   B AU    101 1_555 ? ? ? ? ? ? ?            2.788 
? ? 
metalc2  metalc ?    ? A A1L9Q 6  S2    ? ? ? 1_555 D AU    .  AU ? ? A A1L9Q 6   B AU    101 1_555 ? ? ? ? ? ? ?            2.344 
? ? 
metalc3  metalc ?    ? A A1L9Q 7  S2    ? ? ? 1_555 C AU    .  AU ? ? A A1L9Q 7   A AU    101 1_555 ? ? ? ? ? ? ?            2.316 
? ? 
metalc4  metalc ?    ? C AU    .  AU    ? ? ? 1_555 B A1L9Q 6  N3 ? ? A AU    101 B A1L9Q 6   1_555 ? ? ? ? ? ? ?            2.796 
? ? 
metalc5  metalc ?    ? C AU    .  AU    ? ? ? 1_555 B A1L9Q 6  S2 ? ? A AU    101 B A1L9Q 6   1_555 ? ? ? ? ? ? ?            2.355 
? ? 
metalc6  metalc ?    ? B A1L9Q 7  S2    ? ? ? 1_555 D AU    .  AU ? ? B A1L9Q 7   B AU    101 1_555 ? ? ? ? ? ? ?            2.442 
? ? 
hydrog1  hydrog ?    ? A DG    1  N1    ? ? ? 1_555 B DC    12 N3 ? ? A DG    1   B DC    12  1_555 ? ? ? ? ? ? WATSON-CRICK ?     
? ? 
hydrog2  hydrog ?    ? A DG    1  N2    ? ? ? 1_555 B DC    12 O2 ? ? A DG    1   B DC    12  1_555 ? ? ? ? ? ? WATSON-CRICK ?     
? ? 
hydrog3  hydrog ?    ? A DG    1  O6    ? ? ? 1_555 B DC    12 N4 ? ? A DG    1   B DC    12  1_555 ? ? ? ? ? ? WATSON-CRICK ?     
? ? 
hydrog4  hydrog ?    ? A DG    2  N1    ? ? ? 1_555 B DC    11 N3 ? ? A DG    2   B DC    11  1_555 ? ? ? ? ? ? WATSON-CRICK ?     
? ? 
hydrog5  hydrog ?    ? A DG    2  N2    ? ? ? 1_555 B DC    11 O2 ? ? A DG    2   B DC    11  1_555 ? ? ? ? ? ? WATSON-CRICK ?     
? ? 
hydrog6  hydrog ?    ? A DG    2  O6    ? ? ? 1_555 B DC    11 N4 ? ? A DG    2   B DC    11  1_555 ? ? ? ? ? ? WATSON-CRICK ?     
? ? 
hydrog7  hydrog ?    ? A DA    3  N1    ? ? ? 1_555 B DT    10 N3 ? ? A DA    3   B DT    10  1_555 ? ? ? ? ? ? WATSON-CRICK ?     
? ? 
hydrog8  hydrog ?    ? A DA    3  N6    ? ? ? 1_555 B DT    10 O4 ? ? A DA    3   B DT    10  1_555 ? ? ? ? ? ? WATSON-CRICK ?     
? ? 
hydrog9  hydrog ?    ? A DG    4  N1    ? ? ? 1_555 B DC    9  N3 ? ? A DG    4   B DC    9   1_555 ? ? ? ? ? ? WATSON-CRICK ?     
? ? 
hydrog10 hydrog ?    ? A DG    4  N2    ? ? ? 1_555 B DC    9  O2 ? ? A DG    4   B DC    9   1_555 ? ? ? ? ? ? WATSON-CRICK ?     
? ? 
hydrog11 hydrog ?    ? A DG    4  O6    ? ? ? 1_555 B DC    9  N4 ? ? A DG    4   B DC    9   1_555 ? ? ? ? ? ? WATSON-CRICK ?     
? ? 
hydrog12 hydrog ?    ? A DT    5  N3    ? ? ? 1_555 B DA    8  N1 ? ? A DT    5   B DA    8   1_555 ? ? ? ? ? ? WATSON-CRICK ?     
? ? 
hydrog13 hydrog ?    ? A DT    5  O4    ? ? ? 1_555 B DA    8  N6 ? ? A DT    5   B DA    8   1_555 ? ? ? ? ? ? WATSON-CRICK ?     
? ? 
hydrog14 hydrog ?    ? A DA    8  N1    ? ? ? 1_555 B DT    5  N3 ? ? A DA    8   B DT    5   1_555 ? ? ? ? ? ? WATSON-CRICK ?     
? ? 
hydrog15 hydrog ?    ? A DA    8  N6    ? ? ? 1_555 B DT    5  O4 ? ? A DA    8   B DT    5   1_555 ? ? ? ? ? ? WATSON-CRICK ?     
? ? 
hydrog16 hydrog ?    ? A DC    9  N3    ? ? ? 1_555 B DG    4  N1 ? ? A DC    9   B DG    4   1_555 ? ? ? ? ? ? WATSON-CRICK ?     
? ? 
hydrog17 hydrog ?    ? A DC    9  N4    ? ? ? 1_555 B DG    4  O6 ? ? A DC    9   B DG    4   1_555 ? ? ? ? ? ? WATSON-CRICK ?     
? ? 
hydrog18 hydrog ?    ? A DC    9  O2    ? ? ? 1_555 B DG    4  N2 ? ? A DC    9   B DG    4   1_555 ? ? ? ? ? ? WATSON-CRICK ?     
? ? 
hydrog19 hydrog ?    ? A DT    10 N3    ? ? ? 1_555 B DA    3  N1 ? ? A DT    10  B DA    3   1_555 ? ? ? ? ? ? WATSON-CRICK ?     
? ? 
hydrog20 hydrog ?    ? A DT    10 O4    ? ? ? 1_555 B DA    3  N6 ? ? A DT    10  B DA    3   1_555 ? ? ? ? ? ? WATSON-CRICK ?     
? ? 
hydrog21 hydrog ?    ? A DC    11 N3    ? ? ? 1_555 B DG    2  N1 ? ? A DC    11  B DG    2   1_555 ? ? ? ? ? ? WATSON-CRICK ?     
? ? 
hydrog22 hydrog ?    ? A DC    11 N4    ? ? ? 1_555 B DG    2  O6 ? ? A DC    11  B DG    2   1_555 ? ? ? ? ? ? WATSON-CRICK ?     
? ? 
hydrog23 hydrog ?    ? A DC    11 O2    ? ? ? 1_555 B DG    2  N2 ? ? A DC    11  B DG    2   1_555 ? ? ? ? ? ? WATSON-CRICK ?     
? ? 
hydrog24 hydrog ?    ? A DC    12 N3    ? ? ? 1_555 B DG    1  N1 ? ? A DC    12  B DG    1   1_555 ? ? ? ? ? ? WATSON-CRICK ?     
? ? 
hydrog25 hydrog ?    ? A DC    12 N4    ? ? ? 1_555 B DG    1  O6 ? ? A DC    12  B DG    1   1_555 ? ? ? ? ? ? WATSON-CRICK ?     
? ? 
hydrog26 hydrog ?    ? A DC    12 O2    ? ? ? 1_555 B DG    1  N2 ? ? A DC    12  B DG    1   1_555 ? ? ? ? ? ? WATSON-CRICK ?     
? ? 
# 
loop_
_struct_conn_type.id 
_struct_conn_type.criteria 
_struct_conn_type.reference 
covale ? ? 
metalc ? ? 
hydrog ? ? 
# 
loop_
_pdbx_struct_conn_angle.id 
_pdbx_struct_conn_angle.ptnr1_label_atom_id 
_pdbx_struct_conn_angle.ptnr1_label_alt_id 
_pdbx_struct_conn_angle.ptnr1_label_asym_id 
_pdbx_struct_conn_angle.ptnr1_label_comp_id 
_pdbx_struct_conn_angle.ptnr1_label_seq_id 
_pdbx_struct_conn_angle.ptnr1_auth_atom_id 
_pdbx_struct_conn_angle.ptnr1_auth_asym_id 
_pdbx_struct_conn_angle.ptnr1_auth_comp_id 
_pdbx_struct_conn_angle.ptnr1_auth_seq_id 
_pdbx_struct_conn_angle.ptnr1_PDB_ins_code 
_pdbx_struct_conn_angle.ptnr1_symmetry 
_pdbx_struct_conn_angle.ptnr2_label_atom_id 
_pdbx_struct_conn_angle.ptnr2_label_alt_id 
_pdbx_struct_conn_angle.ptnr2_label_asym_id 
_pdbx_struct_conn_angle.ptnr2_label_comp_id 
_pdbx_struct_conn_angle.ptnr2_label_seq_id 
_pdbx_struct_conn_angle.ptnr2_auth_atom_id 
_pdbx_struct_conn_angle.ptnr2_auth_asym_id 
_pdbx_struct_conn_angle.ptnr2_auth_comp_id 
_pdbx_struct_conn_angle.ptnr2_auth_seq_id 
_pdbx_struct_conn_angle.ptnr2_PDB_ins_code 
_pdbx_struct_conn_angle.ptnr2_symmetry 
_pdbx_struct_conn_angle.ptnr3_label_atom_id 
_pdbx_struct_conn_angle.ptnr3_label_alt_id 
_pdbx_struct_conn_angle.ptnr3_label_asym_id 
_pdbx_struct_conn_angle.ptnr3_label_comp_id 
_pdbx_struct_conn_angle.ptnr3_label_seq_id 
_pdbx_struct_conn_angle.ptnr3_auth_atom_id 
_pdbx_struct_conn_angle.ptnr3_auth_asym_id 
_pdbx_struct_conn_angle.ptnr3_auth_comp_id 
_pdbx_struct_conn_angle.ptnr3_auth_seq_id 
_pdbx_struct_conn_angle.ptnr3_PDB_ins_code 
_pdbx_struct_conn_angle.ptnr3_symmetry 
_pdbx_struct_conn_angle.value 
_pdbx_struct_conn_angle.value_esd 
1 N3 ? A A1L9Q 6 ? A A1L9Q 6 ? 1_555 AU ? D AU . ? B AU 101 ? 1_555 S2 ? A A1L9Q 6 ? A A1L9Q 6 ? 1_555 60.3  ? 
2 N3 ? A A1L9Q 6 ? A A1L9Q 6 ? 1_555 AU ? D AU . ? B AU 101 ? 1_555 S2 ? B A1L9Q 7 ? B A1L9Q 7 ? 1_555 154.9 ? 
3 S2 ? A A1L9Q 6 ? A A1L9Q 6 ? 1_555 AU ? D AU . ? B AU 101 ? 1_555 S2 ? B A1L9Q 7 ? B A1L9Q 7 ? 1_555 142.9 ? 
4 S2 ? A A1L9Q 7 ? A A1L9Q 7 ? 1_555 AU ? C AU . ? A AU 101 ? 1_555 N3 ? B A1L9Q 6 ? B A1L9Q 6 ? 1_555 157.8 ? 
5 S2 ? A A1L9Q 7 ? A A1L9Q 7 ? 1_555 AU ? C AU . ? A AU 101 ? 1_555 S2 ? B A1L9Q 6 ? B A1L9Q 6 ? 1_555 139.7 ? 
6 N3 ? B A1L9Q 6 ? B A1L9Q 6 ? 1_555 AU ? C AU . ? A AU 101 ? 1_555 S2 ? B A1L9Q 6 ? B A1L9Q 6 ? 1_555 59.4  ? 
# 
_pdbx_entry_details.entry_id                   9UYT 
_pdbx_entry_details.nonpolymer_details         ? 
_pdbx_entry_details.sequence_details           ? 
_pdbx_entry_details.compound_details           ? 
_pdbx_entry_details.source_details             ? 
_pdbx_entry_details.has_ligand_of_interest     Y 
_pdbx_entry_details.has_protein_modification   N 
# 
loop_
_chem_comp_atom.comp_id 
_chem_comp_atom.atom_id 
_chem_comp_atom.type_symbol 
_chem_comp_atom.pdbx_aromatic_flag 
_chem_comp_atom.pdbx_stereo_config 
_chem_comp_atom.pdbx_ordinal 
A1L9Q "C1'"  C  N R 1   
A1L9Q C2     C  N N 2   
A1L9Q "C2'"  C  N R 3   
A1L9Q "C3'"  C  N R 4   
A1L9Q C4     C  N N 5   
A1L9Q "C4'"  C  N R 6   
A1L9Q C5     C  N N 7   
A1L9Q "C5'"  C  N N 8   
A1L9Q C6     C  N N 9   
A1L9Q CM2    C  N N 10  
A1L9Q N1     N  N N 11  
A1L9Q N3     N  N N 12  
A1L9Q N4     N  N N 13  
A1L9Q "O2'"  O  N N 14  
A1L9Q "O3'"  O  N N 15  
A1L9Q "O4'"  O  N N 16  
A1L9Q "O5'"  O  N N 17  
A1L9Q OP1    O  N N 18  
A1L9Q OP2    O  N N 19  
A1L9Q P      P  N N 20  
A1L9Q S2     S  N N 21  
A1L9Q H1     H  N N 22  
A1L9Q H2     H  N N 23  
A1L9Q H3     H  N N 24  
A1L9Q H4     H  N N 25  
A1L9Q H5     H  N N 26  
A1L9Q H6     H  N N 27  
A1L9Q H7     H  N N 28  
A1L9Q H8     H  N N 29  
A1L9Q H9     H  N N 30  
A1L9Q H10    H  N N 31  
A1L9Q H11    H  N N 32  
A1L9Q H12    H  N N 33  
A1L9Q H13    H  N N 34  
A1L9Q H14    H  N N 35  
A1L9Q H16    H  N N 36  
A1L9Q OP3    O  N N 37  
A1L9Q H18    H  N N 38  
AU    AU     AU N N 39  
DA    OP3    O  N N 40  
DA    P      P  N N 41  
DA    OP1    O  N N 42  
DA    OP2    O  N N 43  
DA    "O5'"  O  N N 44  
DA    "C5'"  C  N N 45  
DA    "C4'"  C  N R 46  
DA    "O4'"  O  N N 47  
DA    "C3'"  C  N S 48  
DA    "O3'"  O  N N 49  
DA    "C2'"  C  N N 50  
DA    "C1'"  C  N R 51  
DA    N9     N  Y N 52  
DA    C8     C  Y N 53  
DA    N7     N  Y N 54  
DA    C5     C  Y N 55  
DA    C6     C  Y N 56  
DA    N6     N  N N 57  
DA    N1     N  Y N 58  
DA    C2     C  Y N 59  
DA    N3     N  Y N 60  
DA    C4     C  Y N 61  
DA    HOP3   H  N N 62  
DA    HOP2   H  N N 63  
DA    "H5'"  H  N N 64  
DA    "H5''" H  N N 65  
DA    "H4'"  H  N N 66  
DA    "H3'"  H  N N 67  
DA    "HO3'" H  N N 68  
DA    "H2'"  H  N N 69  
DA    "H2''" H  N N 70  
DA    "H1'"  H  N N 71  
DA    H8     H  N N 72  
DA    H61    H  N N 73  
DA    H62    H  N N 74  
DA    H2     H  N N 75  
DC    OP3    O  N N 76  
DC    P      P  N N 77  
DC    OP1    O  N N 78  
DC    OP2    O  N N 79  
DC    "O5'"  O  N N 80  
DC    "C5'"  C  N N 81  
DC    "C4'"  C  N R 82  
DC    "O4'"  O  N N 83  
DC    "C3'"  C  N S 84  
DC    "O3'"  O  N N 85  
DC    "C2'"  C  N N 86  
DC    "C1'"  C  N R 87  
DC    N1     N  N N 88  
DC    C2     C  N N 89  
DC    O2     O  N N 90  
DC    N3     N  N N 91  
DC    C4     C  N N 92  
DC    N4     N  N N 93  
DC    C5     C  N N 94  
DC    C6     C  N N 95  
DC    HOP3   H  N N 96  
DC    HOP2   H  N N 97  
DC    "H5'"  H  N N 98  
DC    "H5''" H  N N 99  
DC    "H4'"  H  N N 100 
DC    "H3'"  H  N N 101 
DC    "HO3'" H  N N 102 
DC    "H2'"  H  N N 103 
DC    "H2''" H  N N 104 
DC    "H1'"  H  N N 105 
DC    H41    H  N N 106 
DC    H42    H  N N 107 
DC    H5     H  N N 108 
DC    H6     H  N N 109 
DG    OP3    O  N N 110 
DG    P      P  N N 111 
DG    OP1    O  N N 112 
DG    OP2    O  N N 113 
DG    "O5'"  O  N N 114 
DG    "C5'"  C  N N 115 
DG    "C4'"  C  N R 116 
DG    "O4'"  O  N N 117 
DG    "C3'"  C  N S 118 
DG    "O3'"  O  N N 119 
DG    "C2'"  C  N N 120 
DG    "C1'"  C  N R 121 
DG    N9     N  Y N 122 
DG    C8     C  Y N 123 
DG    N7     N  Y N 124 
DG    C5     C  Y N 125 
DG    C6     C  N N 126 
DG    O6     O  N N 127 
DG    N1     N  N N 128 
DG    C2     C  N N 129 
DG    N2     N  N N 130 
DG    N3     N  N N 131 
DG    C4     C  Y N 132 
DG    HOP3   H  N N 133 
DG    HOP2   H  N N 134 
DG    "H5'"  H  N N 135 
DG    "H5''" H  N N 136 
DG    "H4'"  H  N N 137 
DG    "H3'"  H  N N 138 
DG    "HO3'" H  N N 139 
DG    "H2'"  H  N N 140 
DG    "H2''" H  N N 141 
DG    "H1'"  H  N N 142 
DG    H8     H  N N 143 
DG    H1     H  N N 144 
DG    H21    H  N N 145 
DG    H22    H  N N 146 
DT    OP3    O  N N 147 
DT    P      P  N N 148 
DT    OP1    O  N N 149 
DT    OP2    O  N N 150 
DT    "O5'"  O  N N 151 
DT    "C5'"  C  N N 152 
DT    "C4'"  C  N R 153 
DT    "O4'"  O  N N 154 
DT    "C3'"  C  N S 155 
DT    "O3'"  O  N N 156 
DT    "C2'"  C  N N 157 
DT    "C1'"  C  N R 158 
DT    N1     N  N N 159 
DT    C2     C  N N 160 
DT    O2     O  N N 161 
DT    N3     N  N N 162 
DT    C4     C  N N 163 
DT    O4     O  N N 164 
DT    C5     C  N N 165 
DT    C7     C  N N 166 
DT    C6     C  N N 167 
DT    HOP3   H  N N 168 
DT    HOP2   H  N N 169 
DT    "H5'"  H  N N 170 
DT    "H5''" H  N N 171 
DT    "H4'"  H  N N 172 
DT    "H3'"  H  N N 173 
DT    "HO3'" H  N N 174 
DT    "H2'"  H  N N 175 
DT    "H2''" H  N N 176 
DT    "H1'"  H  N N 177 
DT    H3     H  N N 178 
DT    H71    H  N N 179 
DT    H72    H  N N 180 
DT    H73    H  N N 181 
DT    H6     H  N N 182 
# 
loop_
_chem_comp_bond.comp_id 
_chem_comp_bond.atom_id_1 
_chem_comp_bond.atom_id_2 
_chem_comp_bond.value_order 
_chem_comp_bond.pdbx_aromatic_flag 
_chem_comp_bond.pdbx_stereo_config 
_chem_comp_bond.pdbx_ordinal 
A1L9Q "O4'" "C1'"  sing N N 1   
A1L9Q "O4'" "C4'"  sing N N 2   
A1L9Q "C1'" N1     sing N N 3   
A1L9Q "C1'" "C2'"  sing N N 4   
A1L9Q "C5'" "C4'"  sing N N 5   
A1L9Q "C5'" "O5'"  sing N N 6   
A1L9Q "C4'" "C3'"  sing N N 7   
A1L9Q P     "O5'"  sing N N 8   
A1L9Q P     OP1    doub N N 9   
A1L9Q P     OP2    sing N N 10  
A1L9Q N1    C6     sing N N 11  
A1L9Q N1    C2     sing N N 12  
A1L9Q S2    C2     doub N N 13  
A1L9Q C6    C5     doub N N 14  
A1L9Q C2    N3     sing N N 15  
A1L9Q "O2'" CM2    sing N N 16  
A1L9Q "O2'" "C2'"  sing N N 17  
A1L9Q C5    C4     sing N N 18  
A1L9Q N3    C4     doub N N 19  
A1L9Q C4    N4     sing N N 20  
A1L9Q "C2'" "C3'"  sing N N 21  
A1L9Q "C3'" "O3'"  sing N N 22  
A1L9Q "C1'" H1     sing N N 23  
A1L9Q "C2'" H2     sing N N 24  
A1L9Q "C3'" H3     sing N N 25  
A1L9Q "C4'" H4     sing N N 26  
A1L9Q C5    H5     sing N N 27  
A1L9Q "C5'" H6     sing N N 28  
A1L9Q "C5'" H7     sing N N 29  
A1L9Q C6    H8     sing N N 30  
A1L9Q CM2   H9     sing N N 31  
A1L9Q CM2   H10    sing N N 32  
A1L9Q CM2   H11    sing N N 33  
A1L9Q N4    H12    sing N N 34  
A1L9Q N4    H13    sing N N 35  
A1L9Q "O3'" H14    sing N N 36  
A1L9Q OP2   H16    sing N N 37  
A1L9Q P     OP3    sing N N 38  
A1L9Q OP3   H18    sing N N 39  
DA    OP3   P      sing N N 40  
DA    OP3   HOP3   sing N N 41  
DA    P     OP1    doub N N 42  
DA    P     OP2    sing N N 43  
DA    P     "O5'"  sing N N 44  
DA    OP2   HOP2   sing N N 45  
DA    "O5'" "C5'"  sing N N 46  
DA    "C5'" "C4'"  sing N N 47  
DA    "C5'" "H5'"  sing N N 48  
DA    "C5'" "H5''" sing N N 49  
DA    "C4'" "O4'"  sing N N 50  
DA    "C4'" "C3'"  sing N N 51  
DA    "C4'" "H4'"  sing N N 52  
DA    "O4'" "C1'"  sing N N 53  
DA    "C3'" "O3'"  sing N N 54  
DA    "C3'" "C2'"  sing N N 55  
DA    "C3'" "H3'"  sing N N 56  
DA    "O3'" "HO3'" sing N N 57  
DA    "C2'" "C1'"  sing N N 58  
DA    "C2'" "H2'"  sing N N 59  
DA    "C2'" "H2''" sing N N 60  
DA    "C1'" N9     sing N N 61  
DA    "C1'" "H1'"  sing N N 62  
DA    N9    C8     sing Y N 63  
DA    N9    C4     sing Y N 64  
DA    C8    N7     doub Y N 65  
DA    C8    H8     sing N N 66  
DA    N7    C5     sing Y N 67  
DA    C5    C6     sing Y N 68  
DA    C5    C4     doub Y N 69  
DA    C6    N6     sing N N 70  
DA    C6    N1     doub Y N 71  
DA    N6    H61    sing N N 72  
DA    N6    H62    sing N N 73  
DA    N1    C2     sing Y N 74  
DA    C2    N3     doub Y N 75  
DA    C2    H2     sing N N 76  
DA    N3    C4     sing Y N 77  
DC    OP3   P      sing N N 78  
DC    OP3   HOP3   sing N N 79  
DC    P     OP1    doub N N 80  
DC    P     OP2    sing N N 81  
DC    P     "O5'"  sing N N 82  
DC    OP2   HOP2   sing N N 83  
DC    "O5'" "C5'"  sing N N 84  
DC    "C5'" "C4'"  sing N N 85  
DC    "C5'" "H5'"  sing N N 86  
DC    "C5'" "H5''" sing N N 87  
DC    "C4'" "O4'"  sing N N 88  
DC    "C4'" "C3'"  sing N N 89  
DC    "C4'" "H4'"  sing N N 90  
DC    "O4'" "C1'"  sing N N 91  
DC    "C3'" "O3'"  sing N N 92  
DC    "C3'" "C2'"  sing N N 93  
DC    "C3'" "H3'"  sing N N 94  
DC    "O3'" "HO3'" sing N N 95  
DC    "C2'" "C1'"  sing N N 96  
DC    "C2'" "H2'"  sing N N 97  
DC    "C2'" "H2''" sing N N 98  
DC    "C1'" N1     sing N N 99  
DC    "C1'" "H1'"  sing N N 100 
DC    N1    C2     sing N N 101 
DC    N1    C6     sing N N 102 
DC    C2    O2     doub N N 103 
DC    C2    N3     sing N N 104 
DC    N3    C4     doub N N 105 
DC    C4    N4     sing N N 106 
DC    C4    C5     sing N N 107 
DC    N4    H41    sing N N 108 
DC    N4    H42    sing N N 109 
DC    C5    C6     doub N N 110 
DC    C5    H5     sing N N 111 
DC    C6    H6     sing N N 112 
DG    OP3   P      sing N N 113 
DG    OP3   HOP3   sing N N 114 
DG    P     OP1    doub N N 115 
DG    P     OP2    sing N N 116 
DG    P     "O5'"  sing N N 117 
DG    OP2   HOP2   sing N N 118 
DG    "O5'" "C5'"  sing N N 119 
DG    "C5'" "C4'"  sing N N 120 
DG    "C5'" "H5'"  sing N N 121 
DG    "C5'" "H5''" sing N N 122 
DG    "C4'" "O4'"  sing N N 123 
DG    "C4'" "C3'"  sing N N 124 
DG    "C4'" "H4'"  sing N N 125 
DG    "O4'" "C1'"  sing N N 126 
DG    "C3'" "O3'"  sing N N 127 
DG    "C3'" "C2'"  sing N N 128 
DG    "C3'" "H3'"  sing N N 129 
DG    "O3'" "HO3'" sing N N 130 
DG    "C2'" "C1'"  sing N N 131 
DG    "C2'" "H2'"  sing N N 132 
DG    "C2'" "H2''" sing N N 133 
DG    "C1'" N9     sing N N 134 
DG    "C1'" "H1'"  sing N N 135 
DG    N9    C8     sing Y N 136 
DG    N9    C4     sing Y N 137 
DG    C8    N7     doub Y N 138 
DG    C8    H8     sing N N 139 
DG    N7    C5     sing Y N 140 
DG    C5    C6     sing N N 141 
DG    C5    C4     doub Y N 142 
DG    C6    O6     doub N N 143 
DG    C6    N1     sing N N 144 
DG    N1    C2     sing N N 145 
DG    N1    H1     sing N N 146 
DG    C2    N2     sing N N 147 
DG    C2    N3     doub N N 148 
DG    N2    H21    sing N N 149 
DG    N2    H22    sing N N 150 
DG    N3    C4     sing N N 151 
DT    OP3   P      sing N N 152 
DT    OP3   HOP3   sing N N 153 
DT    P     OP1    doub N N 154 
DT    P     OP2    sing N N 155 
DT    P     "O5'"  sing N N 156 
DT    OP2   HOP2   sing N N 157 
DT    "O5'" "C5'"  sing N N 158 
DT    "C5'" "C4'"  sing N N 159 
DT    "C5'" "H5'"  sing N N 160 
DT    "C5'" "H5''" sing N N 161 
DT    "C4'" "O4'"  sing N N 162 
DT    "C4'" "C3'"  sing N N 163 
DT    "C4'" "H4'"  sing N N 164 
DT    "O4'" "C1'"  sing N N 165 
DT    "C3'" "O3'"  sing N N 166 
DT    "C3'" "C2'"  sing N N 167 
DT    "C3'" "H3'"  sing N N 168 
DT    "O3'" "HO3'" sing N N 169 
DT    "C2'" "C1'"  sing N N 170 
DT    "C2'" "H2'"  sing N N 171 
DT    "C2'" "H2''" sing N N 172 
DT    "C1'" N1     sing N N 173 
DT    "C1'" "H1'"  sing N N 174 
DT    N1    C2     sing N N 175 
DT    N1    C6     sing N N 176 
DT    C2    O2     doub N N 177 
DT    C2    N3     sing N N 178 
DT    N3    C4     sing N N 179 
DT    N3    H3     sing N N 180 
DT    C4    O4     doub N N 181 
DT    C4    C5     sing N N 182 
DT    C5    C7     sing N N 183 
DT    C5    C6     doub N N 184 
DT    C7    H71    sing N N 185 
DT    C7    H72    sing N N 186 
DT    C7    H73    sing N N 187 
DT    C6    H6     sing N N 188 
# 
loop_
_ndb_struct_conf_na.entry_id 
_ndb_struct_conf_na.feature 
9UYT 'double helix'        
9UYT 'a-form double helix' 
# 
loop_
_ndb_struct_na_base_pair.model_number 
_ndb_struct_na_base_pair.i_label_asym_id 
_ndb_struct_na_base_pair.i_label_comp_id 
_ndb_struct_na_base_pair.i_label_seq_id 
_ndb_struct_na_base_pair.i_symmetry 
_ndb_struct_na_base_pair.j_label_asym_id 
_ndb_struct_na_base_pair.j_label_comp_id 
_ndb_struct_na_base_pair.j_label_seq_id 
_ndb_struct_na_base_pair.j_symmetry 
_ndb_struct_na_base_pair.shear 
_ndb_struct_na_base_pair.stretch 
_ndb_struct_na_base_pair.stagger 
_ndb_struct_na_base_pair.buckle 
_ndb_struct_na_base_pair.propeller 
_ndb_struct_na_base_pair.opening 
_ndb_struct_na_base_pair.pair_number 
_ndb_struct_na_base_pair.pair_name 
_ndb_struct_na_base_pair.i_auth_asym_id 
_ndb_struct_na_base_pair.i_auth_seq_id 
_ndb_struct_na_base_pair.i_PDB_ins_code 
_ndb_struct_na_base_pair.j_auth_asym_id 
_ndb_struct_na_base_pair.j_auth_seq_id 
_ndb_struct_na_base_pair.j_PDB_ins_code 
_ndb_struct_na_base_pair.hbond_type_28 
_ndb_struct_na_base_pair.hbond_type_12 
1 A DG 1  1_555 B DC 12 1_555 -0.236 -0.236 -0.095 -9.234 -14.573 -4.897 1  A_DG1:DC12_B A 1  ? B 12 ? 19 1 
1 A DG 2  1_555 B DC 11 1_555 -0.254 -0.240 0.012  -8.956 -12.736 0.304  2  A_DG2:DC11_B A 2  ? B 11 ? 19 1 
1 A DA 3  1_555 B DT 10 1_555 0.401  -0.151 0.264  4.015  -14.931 3.854  3  A_DA3:DT10_B A 3  ? B 10 ? 20 1 
1 A DG 4  1_555 B DC 9  1_555 -0.161 -0.103 0.334  4.211  -8.976  -1.027 4  A_DG4:DC9_B  A 4  ? B 9  ? 19 1 
1 A DT 5  1_555 B DA 8  1_555 -0.480 -0.078 0.148  -0.613 -14.790 6.858  5  A_DT5:DA8_B  A 5  ? B 8  ? 20 1 
1 A DA 8  1_555 B DT 5  1_555 0.205  -0.171 0.075  0.825  -6.792  3.990  6  A_DA8:DT5_B  A 8  ? B 5  ? 20 1 
1 A DC 9  1_555 B DG 4  1_555 0.294  -0.228 0.282  2.141  -2.015  3.236  7  A_DC9:DG4_B  A 9  ? B 4  ? 19 1 
1 A DT 10 1_555 B DA 3  1_555 -0.061 -0.258 -0.255 14.535 -3.372  -4.618 8  A_DT10:DA3_B A 10 ? B 3  ? 20 1 
1 A DC 11 1_555 B DG 2  1_555 0.146  -0.162 -0.686 13.795 -1.744  -4.976 9  A_DC11:DG2_B A 11 ? B 2  ? 19 1 
1 A DC 12 1_555 B DG 1  1_555 0.375  -0.326 -0.436 11.495 -5.055  -5.642 10 A_DC12:DG1_B A 12 ? B 1  ? 19 1 
# 
loop_
_ndb_struct_na_base_pair_step.model_number 
_ndb_struct_na_base_pair_step.i_label_asym_id_1 
_ndb_struct_na_base_pair_step.i_label_comp_id_1 
_ndb_struct_na_base_pair_step.i_label_seq_id_1 
_ndb_struct_na_base_pair_step.i_symmetry_1 
_ndb_struct_na_base_pair_step.j_label_asym_id_1 
_ndb_struct_na_base_pair_step.j_label_comp_id_1 
_ndb_struct_na_base_pair_step.j_label_seq_id_1 
_ndb_struct_na_base_pair_step.j_symmetry_1 
_ndb_struct_na_base_pair_step.i_label_asym_id_2 
_ndb_struct_na_base_pair_step.i_label_comp_id_2 
_ndb_struct_na_base_pair_step.i_label_seq_id_2 
_ndb_struct_na_base_pair_step.i_symmetry_2 
_ndb_struct_na_base_pair_step.j_label_asym_id_2 
_ndb_struct_na_base_pair_step.j_label_comp_id_2 
_ndb_struct_na_base_pair_step.j_label_seq_id_2 
_ndb_struct_na_base_pair_step.j_symmetry_2 
_ndb_struct_na_base_pair_step.shift 
_ndb_struct_na_base_pair_step.slide 
_ndb_struct_na_base_pair_step.rise 
_ndb_struct_na_base_pair_step.tilt 
_ndb_struct_na_base_pair_step.roll 
_ndb_struct_na_base_pair_step.twist 
_ndb_struct_na_base_pair_step.x_displacement 
_ndb_struct_na_base_pair_step.y_displacement 
_ndb_struct_na_base_pair_step.helical_rise 
_ndb_struct_na_base_pair_step.inclination 
_ndb_struct_na_base_pair_step.tip 
_ndb_struct_na_base_pair_step.helical_twist 
_ndb_struct_na_base_pair_step.step_number 
_ndb_struct_na_base_pair_step.step_name 
_ndb_struct_na_base_pair_step.i_auth_asym_id_1 
_ndb_struct_na_base_pair_step.i_auth_seq_id_1 
_ndb_struct_na_base_pair_step.i_PDB_ins_code_1 
_ndb_struct_na_base_pair_step.j_auth_asym_id_1 
_ndb_struct_na_base_pair_step.j_auth_seq_id_1 
_ndb_struct_na_base_pair_step.j_PDB_ins_code_1 
_ndb_struct_na_base_pair_step.i_auth_asym_id_2 
_ndb_struct_na_base_pair_step.i_auth_seq_id_2 
_ndb_struct_na_base_pair_step.i_PDB_ins_code_2 
_ndb_struct_na_base_pair_step.j_auth_asym_id_2 
_ndb_struct_na_base_pair_step.j_auth_seq_id_2 
_ndb_struct_na_base_pair_step.j_PDB_ins_code_2 
1 A DG 1  1_555 B DC 12 1_555 A DG 2  1_555 B DC 11 1_555 -0.476 -1.576 3.281 -2.492 4.071  35.607 -3.127 0.422  3.113 6.620  
4.053  35.915 1 AA_DG1DG2:DC11DC12_BB A 1  ? B 12 ? A 2  ? B 11 ? 
1 A DG 2  1_555 B DC 11 1_555 A DA 3  1_555 B DT 10 1_555 -0.007 -0.875 3.082 -0.852 -0.038 32.461 -1.558 -0.128 3.082 -0.068 
1.524  32.472 2 AA_DG2DA3:DT10DC11_BB A 2  ? B 11 ? A 3  ? B 10 ? 
1 A DA 3  1_555 B DT 10 1_555 A DG 4  1_555 B DC 9  1_555 0.022  -1.293 3.215 -2.267 6.213  30.795 -3.479 -0.440 2.896 11.534 
4.208  31.480 3 AA_DA3DG4:DC9DT10_BB  A 3  ? B 10 ? A 4  ? B 9  ? 
1 A DG 4  1_555 B DC 9  1_555 A DT 5  1_555 B DA 8  1_555 -0.116 -1.613 3.408 0.128  12.418 27.848 -5.411 0.244  2.478 24.327 
-0.250 30.442 4 AA_DG4DT5:DA8DC9_BB   A 4  ? B 9  ? A 5  ? B 8  ? 
1 A DA 8  1_555 B DT 5  1_555 A DC 9  1_555 B DG 4  1_555 0.422  -1.272 3.328 -1.324 8.470  30.443 -3.850 -1.012 2.859 15.742 
2.462  31.599 5 AA_DA8DC9:DG4DT5_BB   A 8  ? B 5  ? A 9  ? B 4  ? 
1 A DC 9  1_555 B DG 4  1_555 A DT 10 1_555 B DA 3  1_555 -0.644 -1.543 3.058 2.903  6.077  26.495 -4.586 1.993  2.563 12.994 
-6.208 27.323 6 AA_DC9DT10:DA3DG4_BB  A 9  ? B 4  ? A 10 ? B 3  ? 
1 A DT 10 1_555 B DA 3  1_555 A DC 11 1_555 B DG 2  1_555 -0.366 -1.690 3.391 -2.487 1.962  34.930 -3.107 0.224  3.311 3.261  
4.132  35.069 7 AA_DT10DC11:DG2DA3_BB A 10 ? B 3  ? A 11 ? B 2  ? 
1 A DC 11 1_555 B DG 2  1_555 A DC 12 1_555 B DG 1  1_555 -0.225 -1.423 3.523 -2.701 3.476  31.353 -3.288 -0.114 3.357 6.392  
4.967  31.653 8 AA_DC11DC12:DG1DG2_BB A 11 ? B 2  ? A 12 ? B 1  ? 
# 
_pdbx_audit_support.funding_organization   'Japan Agency for Medical Research and Development (AMED)' 
_pdbx_audit_support.country                Japan 
_pdbx_audit_support.grant_number           ? 
_pdbx_audit_support.ordinal                1 
# 
_atom_sites.entry_id                    9UYT 
_atom_sites.Cartn_transf_matrix[1][1]   ? 
_atom_sites.Cartn_transf_matrix[1][2]   ? 
_atom_sites.Cartn_transf_matrix[1][3]   ? 
_atom_sites.Cartn_transf_matrix[2][1]   ? 
_atom_sites.Cartn_transf_matrix[2][2]   ? 
_atom_sites.Cartn_transf_matrix[2][3]   ? 
_atom_sites.Cartn_transf_matrix[3][1]   ? 
_atom_sites.Cartn_transf_matrix[3][2]   ? 
_atom_sites.Cartn_transf_matrix[3][3]   ? 
_atom_sites.Cartn_transf_vector[1]      ? 
_atom_sites.Cartn_transf_vector[2]      ? 
_atom_sites.Cartn_transf_vector[3]      ? 
_atom_sites.Cartn_transform_axes        ? 
_atom_sites.fract_transf_matrix[1][1]   -0.01277286 
_atom_sites.fract_transf_matrix[1][2]   0.02573765 
_atom_sites.fract_transf_matrix[1][3]   0.01466451 
_atom_sites.fract_transf_matrix[2][1]   -0.01461197 
_atom_sites.fract_transf_matrix[2][2]   0.02288720 
_atom_sites.fract_transf_matrix[2][3]   -0.01741579 
_atom_sites.fract_transf_matrix[3][1]   -0.01425497 
_atom_sites.fract_transf_matrix[3][2]   -0.00794203 
_atom_sites.fract_transf_matrix[3][3]   0.00152289 
_atom_sites.fract_transf_vector[1]      0.463783 
_atom_sites.fract_transf_vector[2]      0.451053 
_atom_sites.fract_transf_vector[3]      0.085513 
_atom_sites.solution_primary            ? 
_atom_sites.solution_secondary          ? 
_atom_sites.solution_hydrogens          ? 
_atom_sites.special_details             ? 
# 
loop_
_atom_type.symbol 
AU 
C  
N  
O  
P  
S  
# 
loop_
_atom_site.group_PDB 
_atom_site.id 
_atom_site.type_symbol 
_atom_site.label_atom_id 
_atom_site.label_alt_id 
_atom_site.label_comp_id 
_atom_site.label_asym_id 
_atom_site.label_entity_id 
_atom_site.label_seq_id 
_atom_site.pdbx_PDB_ins_code 
_atom_site.Cartn_x 
_atom_site.Cartn_y 
_atom_site.Cartn_z 
_atom_site.occupancy 
_atom_site.B_iso_or_equiv 
_atom_site.pdbx_formal_charge 
_atom_site.auth_seq_id 
_atom_site.auth_comp_id 
_atom_site.auth_asym_id 
_atom_site.auth_atom_id 
_atom_site.pdbx_PDB_model_num 
ATOM   1   O  "O5'" . DG    A 1 1  ? 5.264   9.319   10.439  1.00 50.61 ? 1   DG    A "O5'" 1 
ATOM   2   C  "C5'" . DG    A 1 1  ? 4.259   9.664   9.482   1.00 49.49 ? 1   DG    A "C5'" 1 
ATOM   3   C  "C4'" . DG    A 1 1  ? 4.579   10.991  8.833   1.00 49.57 ? 1   DG    A "C4'" 1 
ATOM   4   O  "O4'" . DG    A 1 1  ? 5.981   11.284  9.015   1.00 52.13 ? 1   DG    A "O4'" 1 
ATOM   5   C  "C3'" . DG    A 1 1  ? 4.367   11.012  7.342   1.00 54.50 ? 1   DG    A "C3'" 1 
ATOM   6   O  "O3'" . DG    A 1 1  ? 3.051   11.380  7.063   1.00 59.73 ? 1   DG    A "O3'" 1 
ATOM   7   C  "C2'" . DG    A 1 1  ? 5.362   12.063  6.861   1.00 51.97 ? 1   DG    A "C2'" 1 
ATOM   8   C  "C1'" . DG    A 1 1  ? 6.519   11.864  7.833   1.00 51.10 ? 1   DG    A "C1'" 1 
ATOM   9   N  N9    . DG    A 1 1  ? 7.588   10.991  7.347   1.00 47.63 ? 1   DG    A N9    1 
ATOM   10  C  C8    . DG    A 1 1  ? 8.170   9.951   8.042   1.00 47.79 ? 1   DG    A C8    1 
ATOM   11  N  N7    . DG    A 1 1  ? 9.124   9.347   7.381   1.00 47.23 ? 1   DG    A N7    1 
ATOM   12  C  C5    . DG    A 1 1  ? 9.176   10.021  6.165   1.00 46.00 ? 1   DG    A C5    1 
ATOM   13  C  C6    . DG    A 1 1  ? 10.020  9.810   5.045   1.00 46.62 ? 1   DG    A C6    1 
ATOM   14  O  O6    . DG    A 1 1  ? 10.906  8.958   4.908   1.00 44.98 ? 1   DG    A O6    1 
ATOM   15  N  N1    . DG    A 1 1  ? 9.766   10.724  4.019   1.00 48.55 ? 1   DG    A N1    1 
ATOM   16  C  C2    . DG    A 1 1  ? 8.809   11.719  4.070   1.00 49.61 ? 1   DG    A C2    1 
ATOM   17  N  N2    . DG    A 1 1  ? 8.712   12.506  2.983   1.00 47.36 ? 1   DG    A N2    1 
ATOM   18  N  N3    . DG    A 1 1  ? 8.002   11.930  5.120   1.00 50.31 ? 1   DG    A N3    1 
ATOM   19  C  C4    . DG    A 1 1  ? 8.241   11.045  6.127   1.00 46.99 ? 1   DG    A C4    1 
ATOM   20  P  P     . DG    A 1 2  ? 2.181   10.420  6.126   1.00 60.89 ? 2   DG    A P     1 
ATOM   21  O  OP1   . DG    A 1 2  ? 0.762   10.857  6.178   1.00 59.45 ? 2   DG    A OP1   1 
ATOM   22  O  OP2   . DG    A 1 2  ? 2.604   9.030   6.508   1.00 52.48 ? 2   DG    A OP2   1 
ATOM   23  O  "O5'" . DG    A 1 2  ? 2.687   10.805  4.666   1.00 55.07 ? 2   DG    A "O5'" 1 
ATOM   24  C  "C5'" . DG    A 1 2  ? 2.479   12.108  4.191   1.00 55.07 ? 2   DG    A "C5'" 1 
ATOM   25  C  "C4'" . DG    A 1 2  ? 3.108   12.262  2.827   1.00 57.48 ? 2   DG    A "C4'" 1 
ATOM   26  O  "O4'" . DG    A 1 2  ? 4.532   12.195  2.967   1.00 57.05 ? 2   DG    A "O4'" 1 
ATOM   27  C  "C3'" . DG    A 1 2  ? 2.770   11.151  1.853   1.00 60.98 ? 2   DG    A "C3'" 1 
ATOM   28  O  "O3'" . DG    A 1 2  ? 1.608   11.486  1.140   1.00 66.73 ? 2   DG    A "O3'" 1 
ATOM   29  C  "C2'" . DG    A 1 2  ? 3.974   11.137  0.927   1.00 61.69 ? 2   DG    A "C2'" 1 
ATOM   30  C  "C1'" . DG    A 1 2  ? 5.101   11.552  1.846   1.00 55.78 ? 2   DG    A "C1'" 1 
ATOM   31  N  N9    . DG    A 1 2  ? 5.918   10.441  2.312   1.00 53.82 ? 2   DG    A N9    1 
ATOM   32  C  C8    . DG    A 1 2  ? 5.842   9.797   3.529   1.00 51.73 ? 2   DG    A C8    1 
ATOM   33  N  N7    . DG    A 1 2  ? 6.738   8.853   3.668   1.00 50.37 ? 2   DG    A N7    1 
ATOM   34  C  C5    . DG    A 1 2  ? 7.449   8.884   2.469   1.00 47.73 ? 2   DG    A C5    1 
ATOM   35  C  C6    . DG    A 1 2  ? 8.532   8.097   2.038   1.00 48.34 ? 2   DG    A C6    1 
ATOM   36  O  O6    . DG    A 1 2  ? 9.111   7.191   2.651   1.00 51.29 ? 2   DG    A O6    1 
ATOM   37  N  N1    . DG    A 1 2  ? 8.945   8.445   0.758   1.00 46.94 ? 2   DG    A N1    1 
ATOM   38  C  C2    . DG    A 1 2  ? 8.381   9.438   -0.004  1.00 50.68 ? 2   DG    A C2    1 
ATOM   39  N  N2    . DG    A 1 2  ? 8.920   9.643   -1.216  1.00 53.18 ? 2   DG    A N2    1 
ATOM   40  N  N3    . DG    A 1 2  ? 7.366   10.183  0.389   1.00 50.58 ? 2   DG    A N3    1 
ATOM   41  C  C4    . DG    A 1 2  ? 6.953   9.850   1.630   1.00 50.15 ? 2   DG    A C4    1 
ATOM   42  P  P     . DA    A 1 3  ? 0.708   10.329  0.494   1.00 73.01 ? 3   DA    A P     1 
ATOM   43  O  OP1   . DA    A 1 3  ? -0.477  11.061  -0.033  1.00 68.37 ? 3   DA    A OP1   1 
ATOM   44  O  OP2   . DA    A 1 3  ? 0.580   9.218   1.495   1.00 56.42 ? 3   DA    A OP2   1 
ATOM   45  O  "O5'" . DA    A 1 3  ? 1.600   9.797   -0.740  1.00 64.51 ? 3   DA    A "O5'" 1 
ATOM   46  C  "C5'" . DA    A 1 3  ? 1.901   10.666  -1.843  1.00 63.25 ? 3   DA    A "C5'" 1 
ATOM   47  C  "C4'" . DA    A 1 3  ? 2.957   10.040  -2.743  1.00 64.06 ? 3   DA    A "C4'" 1 
ATOM   48  O  "O4'" . DA    A 1 3  ? 4.202   9.897   -2.013  1.00 65.60 ? 3   DA    A "O4'" 1 
ATOM   49  C  "C3'" . DA    A 1 3  ? 2.659   8.626   -3.205  1.00 64.29 ? 3   DA    A "C3'" 1 
ATOM   50  O  "O3'" . DA    A 1 3  ? 1.825   8.636   -4.330  1.00 67.27 ? 3   DA    A "O3'" 1 
ATOM   51  C  "C2'" . DA    A 1 3  ? 4.045   8.122   -3.577  1.00 65.63 ? 3   DA    A "C2'" 1 
ATOM   52  C  "C1'" . DA    A 1 3  ? 4.916   8.768   -2.511  1.00 61.39 ? 3   DA    A "C1'" 1 
ATOM   53  N  N9    . DA    A 1 3  ? 5.224   7.866   -1.408  1.00 56.33 ? 3   DA    A N9    1 
ATOM   54  C  C8    . DA    A 1 3  ? 4.482   7.652   -0.276  1.00 55.47 ? 3   DA    A C8    1 
ATOM   55  N  N7    . DA    A 1 3  ? 5.015   6.768   0.544   1.00 55.22 ? 3   DA    A N7    1 
ATOM   56  C  C5    . DA    A 1 3  ? 6.187   6.377   -0.101  1.00 53.13 ? 3   DA    A C5    1 
ATOM   57  C  C6    . DA    A 1 3  ? 7.205   5.462   0.242   1.00 50.74 ? 3   DA    A C6    1 
ATOM   58  N  N6    . DA    A 1 3  ? 7.205   4.758   1.379   1.00 51.55 ? 3   DA    A N6    1 
ATOM   59  N  N1    . DA    A 1 3  ? 8.227   5.298   -0.632  1.00 50.32 ? 3   DA    A N1    1 
ATOM   60  C  C2    . DA    A 1 3  ? 8.223   6.009   -1.768  1.00 50.77 ? 3   DA    A C2    1 
ATOM   61  N  N3    . DA    A 1 3  ? 7.324   6.897   -2.198  1.00 53.12 ? 3   DA    A N3    1 
ATOM   62  C  C4    . DA    A 1 3  ? 6.323   7.036   -1.308  1.00 54.48 ? 3   DA    A C4    1 
ATOM   63  P  P     . DG    A 1 4  ? 1.070   7.282   -4.741  1.00 69.79 ? 4   DG    A P     1 
ATOM   64  O  OP1   . DG    A 1 4  ? 0.082   7.665   -5.781  1.00 71.68 ? 4   DG    A OP1   1 
ATOM   65  O  OP2   . DG    A 1 4  ? 0.617   6.601   -3.511  1.00 60.65 ? 4   DG    A OP2   1 
ATOM   66  O  "O5'" . DG    A 1 4  ? 2.236   6.348   -5.313  1.00 57.90 ? 4   DG    A "O5'" 1 
ATOM   67  C  "C5'" . DG    A 1 4  ? 2.785   6.609   -6.570  1.00 54.46 ? 4   DG    A "C5'" 1 
ATOM   68  C  "C4'" . DG    A 1 4  ? 3.939   5.682   -6.814  1.00 52.69 ? 4   DG    A "C4'" 1 
ATOM   69  O  "O4'" . DG    A 1 4  ? 4.910   5.882   -5.768  1.00 56.22 ? 4   DG    A "O4'" 1 
ATOM   70  C  "C3'" . DG    A 1 4  ? 3.622   4.206   -6.715  1.00 51.55 ? 4   DG    A "C3'" 1 
ATOM   71  O  "O3'" . DG    A 1 4  ? 3.037   3.729   -7.925  1.00 50.74 ? 4   DG    A "O3'" 1 
ATOM   72  C  "C2'" . DG    A 1 4  ? 5.025   3.645   -6.506  1.00 52.01 ? 4   DG    A "C2'" 1 
ATOM   73  C  "C1'" . DG    A 1 4  ? 5.614   4.677   -5.541  1.00 51.82 ? 4   DG    A "C1'" 1 
ATOM   74  N  N9    . DG    A 1 4  ? 5.452   4.297   -4.140  1.00 54.90 ? 4   DG    A N9    1 
ATOM   75  C  C8    . DG    A 1 4  ? 4.457   4.695   -3.267  1.00 54.57 ? 4   DG    A C8    1 
ATOM   76  N  N7    . DG    A 1 4  ? 4.563   4.148   -2.076  1.00 53.12 ? 4   DG    A N7    1 
ATOM   77  C  C5    . DG    A 1 4  ? 5.696   3.340   -2.171  1.00 52.25 ? 4   DG    A C5    1 
ATOM   78  C  C6    . DG    A 1 4  ? 6.320   2.509   -1.206  1.00 52.53 ? 4   DG    A C6    1 
ATOM   79  O  O6    . DG    A 1 4  ? 5.988   2.310   -0.034  1.00 54.49 ? 4   DG    A O6    1 
ATOM   80  N  N1    . DG    A 1 4  ? 7.445   1.870   -1.720  1.00 51.26 ? 4   DG    A N1    1 
ATOM   81  C  C2    . DG    A 1 4  ? 7.908   2.012   -3.001  1.00 49.23 ? 4   DG    A C2    1 
ATOM   82  N  N2    . DG    A 1 4  ? 8.995   1.314   -3.315  1.00 49.78 ? 4   DG    A N2    1 
ATOM   83  N  N3    . DG    A 1 4  ? 7.345   2.785   -3.911  1.00 51.82 ? 4   DG    A N3    1 
ATOM   84  C  C4    . DG    A 1 4  ? 6.247   3.419   -3.432  1.00 54.18 ? 4   DG    A C4    1 
ATOM   85  P  P     . DT    A 1 5  ? 2.356   2.273   -7.989  1.00 53.16 ? 5   DT    A P     1 
ATOM   86  O  OP1   . DT    A 1 5  ? 1.992   1.997   -9.393  1.00 52.80 ? 5   DT    A OP1   1 
ATOM   87  O  OP2   . DT    A 1 5  ? 1.357   2.169   -6.904  1.00 55.20 ? 5   DT    A OP2   1 
ATOM   88  O  "O5'" . DT    A 1 5  ? 3.539   1.265   -7.664  1.00 51.95 ? 5   DT    A "O5'" 1 
ATOM   89  C  "C5'" . DT    A 1 5  ? 4.371   0.859   -8.697  1.00 51.95 ? 5   DT    A "C5'" 1 
ATOM   90  C  "C4'" . DT    A 1 5  ? 5.275   -0.257  -8.245  1.00 49.58 ? 5   DT    A "C4'" 1 
ATOM   91  O  "O4'" . DT    A 1 5  ? 6.052   0.198   -7.128  1.00 48.66 ? 5   DT    A "O4'" 1 
ATOM   92  C  "C3'" . DT    A 1 5  ? 4.575   -1.494  -7.726  1.00 52.53 ? 5   DT    A "C3'" 1 
ATOM   93  O  "O3'" . DT    A 1 5  ? 4.177   -2.308  -8.789  1.00 51.62 ? 5   DT    A "O3'" 1 
ATOM   94  C  "C2'" . DT    A 1 5  ? 5.699   -2.132  -6.924  1.00 52.99 ? 5   DT    A "C2'" 1 
ATOM   95  C  "C1'" . DT    A 1 5  ? 6.299   -0.894  -6.256  1.00 50.99 ? 5   DT    A "C1'" 1 
ATOM   96  N  N1    . DT    A 1 5  ? 5.688   -0.602  -4.925  1.00 53.59 ? 5   DT    A N1    1 
ATOM   97  C  C2    . DT    A 1 5  ? 6.142   -1.297  -3.841  1.00 53.49 ? 5   DT    A C2    1 
ATOM   98  O  O2    . DT    A 1 5  ? 7.031   -2.125  -3.921  1.00 53.39 ? 5   DT    A O2    1 
ATOM   99  N  N3    . DT    A 1 5  ? 5.524   -0.982  -2.650  1.00 53.93 ? 5   DT    A N3    1 
ATOM   100 C  C4    . DT    A 1 5  ? 4.501   -0.058  -2.454  1.00 53.16 ? 5   DT    A C4    1 
ATOM   101 O  O4    . DT    A 1 5  ? 4.001   0.155   -1.348  1.00 52.91 ? 5   DT    A O4    1 
ATOM   102 C  C5    . DT    A 1 5  ? 4.061   0.635   -3.644  1.00 51.65 ? 5   DT    A C5    1 
ATOM   103 C  C7    . DT    A 1 5  ? 2.963   1.649   -3.554  1.00 53.10 ? 5   DT    A C7    1 
ATOM   104 C  C6    . DT    A 1 5  ? 4.666   0.337   -4.811  1.00 53.03 ? 5   DT    A C6    1 
HETATM 105 C  "C1'" . A1L9Q A 1 6  ? 5.123   -5.878  -4.526  1.00 60.40 ? 6   A1L9Q A "C1'" 1 
HETATM 106 C  C2    . A1L9Q A 1 6  ? 4.216   -5.032  -2.333  1.00 61.55 ? 6   A1L9Q A C2    1 
HETATM 107 C  "C2'" . A1L9Q A 1 6  ? 4.442   -7.230  -4.717  1.00 61.63 ? 6   A1L9Q A "C2'" 1 
HETATM 108 C  "C3'" . A1L9Q A 1 6  ? 3.724   -6.986  -6.029  1.00 60.64 ? 6   A1L9Q A "C3'" 1 
HETATM 109 C  C4    . A1L9Q A 1 6  ? 2.656   -3.236  -2.216  1.00 57.66 ? 6   A1L9Q A C4    1 
HETATM 110 C  "C4'" . A1L9Q A 1 6  ? 4.781   -6.236  -6.814  1.00 58.99 ? 6   A1L9Q A "C4'" 1 
HETATM 111 C  C5    . A1L9Q A 1 6  ? 2.679   -3.120  -3.665  1.00 54.64 ? 6   A1L9Q A C5    1 
HETATM 112 C  "C5'" . A1L9Q A 1 6  ? 4.295   -5.436  -7.988  1.00 55.32 ? 6   A1L9Q A "C5'" 1 
HETATM 113 C  C6    . A1L9Q A 1 6  ? 3.480   -3.984  -4.373  1.00 55.09 ? 6   A1L9Q A C6    1 
HETATM 114 C  CM2   . A1L9Q A 1 6  ? 5.799   -8.876  -3.701  1.00 61.20 ? 6   A1L9Q A CM2   1 
HETATM 115 N  N1    . A1L9Q A 1 6  ? 4.264   -4.944  -3.756  1.00 59.82 ? 6   A1L9Q A N1    1 
HETATM 116 N  N3    . A1L9Q A 1 6  ? 3.399   -4.158  -1.573  1.00 57.99 ? 6   A1L9Q A N3    1 
HETATM 117 N  N4    . A1L9Q A 1 6  ? 1.859   -2.383  -1.449  1.00 58.05 ? 6   A1L9Q A N4    1 
HETATM 118 O  "O2'" . A1L9Q A 1 6  ? 5.459   -8.206  -4.881  1.00 60.48 ? 6   A1L9Q A "O2'" 1 
HETATM 119 O  "O3'" . A1L9Q A 1 6  ? 3.266   -8.163  -6.664  1.00 67.28 ? 6   A1L9Q A "O3'" 1 
HETATM 120 O  "O4'" . A1L9Q A 1 6  ? 5.356   -5.348  -5.819  1.00 63.22 ? 6   A1L9Q A "O4'" 1 
HETATM 121 O  "O5'" . A1L9Q A 1 6  ? 3.476   -4.368  -7.563  1.00 53.51 ? 6   A1L9Q A "O5'" 1 
HETATM 122 O  OP1   . A1L9Q A 1 6  ? 2.830   -4.096  -9.898  1.00 64.48 ? 6   A1L9Q A OP1   1 
HETATM 123 O  OP2   . A1L9Q A 1 6  ? 1.729   -2.591  -8.094  1.00 55.64 ? 6   A1L9Q A OP2   1 
HETATM 124 P  P     . A1L9Q A 1 6  ? 2.945   -3.312  -8.618  1.00 54.55 ? 6   A1L9Q A P     1 
HETATM 125 S  S2    . A1L9Q A 1 6  ? 5.102   -6.132  -1.566  1.00 65.20 ? 6   A1L9Q A S2    1 
HETATM 126 C  "C1'" . A1L9Q A 1 7  ? 2.253   -9.261  -1.400  1.00 67.54 ? 7   A1L9Q A "C1'" 1 
HETATM 127 C  C2    . A1L9Q A 1 7  ? 1.182   -7.286  -0.145  1.00 64.00 ? 7   A1L9Q A C2    1 
HETATM 128 C  "C2'" . A1L9Q A 1 7  ? 1.299   -10.441 -1.202  1.00 67.92 ? 7   A1L9Q A "C2'" 1 
HETATM 129 C  "C3'" . A1L9Q A 1 7  ? 0.935   -10.743 -2.643  1.00 69.53 ? 7   A1L9Q A "C3'" 1 
HETATM 130 C  C4    . A1L9Q A 1 7  ? 0.227   -5.467  -1.378  1.00 65.50 ? 7   A1L9Q A C4    1 
HETATM 131 C  "C4'" . A1L9Q A 1 7  ? 2.275   -10.577 -3.340  1.00 66.03 ? 7   A1L9Q A "C4'" 1 
HETATM 132 C  C5    . A1L9Q A 1 7  ? 0.580   -6.108  -2.619  1.00 63.22 ? 7   A1L9Q A C5    1 
HETATM 133 C  "C5'" . A1L9Q A 1 7  ? 2.246   -10.367 -4.836  1.00 64.03 ? 7   A1L9Q A "C5'" 1 
HETATM 134 C  C6    . A1L9Q A 1 7  ? 1.229   -7.322  -2.543  1.00 64.40 ? 7   A1L9Q A C6    1 
HETATM 135 C  CM2   . A1L9Q A 1 7  ? 1.521   -12.056 0.516   1.00 70.53 ? 7   A1L9Q A CM2   1 
HETATM 136 N  N1    . A1L9Q A 1 7  ? 1.549   -7.953  -1.356  1.00 65.17 ? 7   A1L9Q A N1    1 
HETATM 137 N  N3    . A1L9Q A 1 7  ? 0.518   -6.035  -0.181  1.00 65.51 ? 7   A1L9Q A N3    1 
HETATM 138 N  N4    . A1L9Q A 1 7  ? -0.426  -4.240  -1.408  1.00 62.90 ? 7   A1L9Q A N4    1 
HETATM 139 O  "O2'" . A1L9Q A 1 7  ? 2.039   -11.524 -0.661  1.00 66.86 ? 7   A1L9Q A "O2'" 1 
HETATM 140 O  "O3'" . A1L9Q A 1 7  ? 0.330   -12.006 -2.828  1.00 73.73 ? 7   A1L9Q A "O3'" 1 
HETATM 141 O  "O4'" . A1L9Q A 1 7  ? 2.844   -9.414  -2.681  1.00 67.45 ? 7   A1L9Q A "O4'" 1 
HETATM 142 O  "O5'" . A1L9Q A 1 7  ? 1.509   -9.210  -5.195  1.00 64.77 ? 7   A1L9Q A "O5'" 1 
HETATM 143 O  OP1   . A1L9Q A 1 7  ? 1.449   -9.571  -7.679  1.00 69.37 ? 7   A1L9Q A OP1   1 
HETATM 144 O  OP2   . A1L9Q A 1 7  ? 0.948   -7.225  -6.662  1.00 65.27 ? 7   A1L9Q A OP2   1 
HETATM 145 P  P     . A1L9Q A 1 7  ? 1.704   -8.530  -6.622  1.00 66.53 ? 7   A1L9Q A P     1 
HETATM 146 S  S2    . A1L9Q A 1 7  ? 1.505   -7.912  1.289   1.00 57.12 ? 7   A1L9Q A S2    1 
ATOM   147 P  P     . DA    A 1 8  ? -1.264  -12.086 -3.035  1.00 76.38 ? 8   DA    A P     1 
ATOM   148 O  OP1   . DA    A 1 8  ? -1.498  -13.492 -3.428  1.00 82.11 ? 8   DA    A OP1   1 
ATOM   149 O  OP2   . DA    A 1 8  ? -1.730  -10.982 -3.915  1.00 66.17 ? 8   DA    A OP2   1 
ATOM   150 O  "O5'" . DA    A 1 8  ? -1.862  -11.844 -1.571  1.00 67.81 ? 8   DA    A "O5'" 1 
ATOM   151 C  "C5'" . DA    A 1 8  ? -1.707  -12.846 -0.610  1.00 69.48 ? 8   DA    A "C5'" 1 
ATOM   152 C  "C4'" . DA    A 1 8  ? -2.335  -12.449 0.703   1.00 70.02 ? 8   DA    A "C4'" 1 
ATOM   153 O  "O4'" . DA    A 1 8  ? -1.620  -11.327 1.255   1.00 68.43 ? 8   DA    A "O4'" 1 
ATOM   154 C  "C3'" . DA    A 1 8  ? -3.776  -11.988 0.627   1.00 70.90 ? 8   DA    A "C3'" 1 
ATOM   155 O  "O3'" . DA    A 1 8  ? -4.653  -13.112 0.641   1.00 76.42 ? 8   DA    A "O3'" 1 
ATOM   156 C  "C2'" . DA    A 1 8  ? -3.889  -11.180 1.915   1.00 71.23 ? 8   DA    A "C2'" 1 
ATOM   157 C  "C1'" . DA    A 1 8  ? -2.521  -10.497 1.967   1.00 68.33 ? 8   DA    A "C1'" 1 
ATOM   158 N  N9    . DA    A 1 8  ? -2.512  -9.178  1.340   1.00 68.16 ? 8   DA    A N9    1 
ATOM   159 C  C8    . DA    A 1 8  ? -2.191  -8.883  0.036   1.00 67.68 ? 8   DA    A C8    1 
ATOM   160 N  N7    . DA    A 1 8  ? -2.270  -7.598  -0.251  1.00 69.20 ? 8   DA    A N7    1 
ATOM   161 C  C5    . DA    A 1 8  ? -2.673  -7.013  0.950   1.00 65.45 ? 8   DA    A C5    1 
ATOM   162 C  C6    . DA    A 1 8  ? -2.937  -5.672  1.317   1.00 61.95 ? 8   DA    A C6    1 
ATOM   163 N  N6    . DA    A 1 8  ? -2.831  -4.639  0.470   1.00 61.57 ? 8   DA    A N6    1 
ATOM   164 N  N1    . DA    A 1 8  ? -3.316  -5.438  2.594   1.00 58.91 ? 8   DA    A N1    1 
ATOM   165 C  C2    . DA    A 1 8  ? -3.425  -6.474  3.440   1.00 60.44 ? 8   DA    A C2    1 
ATOM   166 N  N3    . DA    A 1 8  ? -3.201  -7.770  3.214   1.00 62.27 ? 8   DA    A N3    1 
ATOM   167 C  C4    . DA    A 1 8  ? -2.826  -7.974  1.938   1.00 63.15 ? 8   DA    A C4    1 
ATOM   168 P  P     . DC    A 1 9  ? -6.042  -13.064 -0.170  1.00 79.66 ? 9   DC    A P     1 
ATOM   169 O  OP1   . DC    A 1 9  ? -6.559  -14.456 -0.234  1.00 79.55 ? 9   DC    A OP1   1 
ATOM   170 O  OP2   . DC    A 1 9  ? -5.829  -12.292 -1.421  1.00 68.18 ? 9   DC    A OP2   1 
ATOM   171 O  "O5'" . DC    A 1 9  ? -6.995  -12.169 0.754   1.00 67.31 ? 9   DC    A "O5'" 1 
ATOM   172 C  "C5'" . DC    A 1 9  ? -7.241  -12.535 2.095   1.00 61.61 ? 9   DC    A "C5'" 1 
ATOM   173 C  "C4'" . DC    A 1 9  ? -7.723  -11.333 2.886   1.00 57.98 ? 9   DC    A "C4'" 1 
ATOM   174 O  "O4'" . DC    A 1 9  ? -6.700  -10.317 2.883   1.00 62.00 ? 9   DC    A "O4'" 1 
ATOM   175 C  "C3'" . DC    A 1 9  ? -8.936  -10.626 2.323   1.00 53.22 ? 9   DC    A "C3'" 1 
ATOM   176 O  "O3'" . DC    A 1 9  ? -10.094 -11.288 2.732   1.00 58.57 ? 9   DC    A "O3'" 1 
ATOM   177 C  "C2'" . DC    A 1 9  ? -8.827  -9.267  2.999   1.00 54.31 ? 9   DC    A "C2'" 1 
ATOM   178 C  "C1'" . DC    A 1 9  ? -7.310  -9.050  3.048   1.00 58.29 ? 9   DC    A "C1'" 1 
ATOM   179 N  N1    . DC    A 1 9  ? -6.825  -8.150  1.986   1.00 55.09 ? 9   DC    A N1    1 
ATOM   180 C  C2    . DC    A 1 9  ? -6.984  -6.773  2.138   1.00 54.25 ? 9   DC    A C2    1 
ATOM   181 O  O2    . DC    A 1 9  ? -7.507  -6.337  3.170   1.00 54.69 ? 9   DC    A O2    1 
ATOM   182 N  N3    . DC    A 1 9  ? -6.558  -5.952  1.152   1.00 56.45 ? 9   DC    A N3    1 
ATOM   183 C  C4    . DC    A 1 9  ? -5.989  -6.462  0.061   1.00 58.20 ? 9   DC    A C4    1 
ATOM   184 N  N4    . DC    A 1 9  ? -5.572  -5.610  -0.879  1.00 55.94 ? 9   DC    A N4    1 
ATOM   185 C  C5    . DC    A 1 9  ? -5.822  -7.870  -0.111  1.00 58.94 ? 9   DC    A C5    1 
ATOM   186 C  C6    . DC    A 1 9  ? -6.258  -8.669  0.866   1.00 57.89 ? 9   DC    A C6    1 
ATOM   187 P  P     . DT    A 1 10 ? -11.487 -11.047 1.977   1.00 59.76 ? 10  DT    A P     1 
ATOM   188 O  OP1   . DT    A 1 10 ? -12.425 -12.071 2.494   1.00 63.36 ? 10  DT    A OP1   1 
ATOM   189 O  OP2   . DT    A 1 10 ? -11.204 -10.880 0.527   1.00 58.95 ? 10  DT    A OP2   1 
ATOM   190 O  "O5'" . DT    A 1 10 ? -12.024 -9.674  2.552   1.00 52.31 ? 10  DT    A "O5'" 1 
ATOM   191 C  "C5'" . DT    A 1 10 ? -12.227 -9.545  3.914   1.00 52.47 ? 10  DT    A "C5'" 1 
ATOM   192 C  "C4'" . DT    A 1 10 ? -12.476 -8.109  4.230   1.00 52.06 ? 10  DT    A "C4'" 1 
ATOM   193 O  "O4'" . DT    A 1 10 ? -11.417 -7.320  3.634   1.00 56.68 ? 10  DT    A "O4'" 1 
ATOM   194 C  "C3'" . DT    A 1 10 ? -13.778 -7.587  3.648   1.00 52.06 ? 10  DT    A "C3'" 1 
ATOM   195 O  "O3'" . DT    A 1 10 ? -14.500 -6.919  4.624   1.00 56.31 ? 10  DT    A "O3'" 1 
ATOM   196 C  "C2'" . DT    A 1 10 ? -13.350 -6.636  2.539   1.00 57.88 ? 10  DT    A "C2'" 1 
ATOM   197 C  "C1'" . DT    A 1 10 ? -11.974 -6.195  3.004   1.00 56.86 ? 10  DT    A "C1'" 1 
ATOM   198 N  N1    . DT    A 1 10 ? -11.101 -5.810  1.874   1.00 53.38 ? 10  DT    A N1    1 
ATOM   199 C  C2    . DT    A 1 10 ? -10.824 -4.484  1.661   1.00 51.85 ? 10  DT    A C2    1 
ATOM   200 O  O2    . DT    A 1 10 ? -11.242 -3.588  2.383   1.00 52.01 ? 10  DT    A O2    1 
ATOM   201 N  N3    . DT    A 1 10 ? -10.029 -4.237  0.567   1.00 51.87 ? 10  DT    A N3    1 
ATOM   202 C  C4    . DT    A 1 10 ? -9.506  -5.172  -0.317  1.00 52.76 ? 10  DT    A C4    1 
ATOM   203 O  O4    . DT    A 1 10 ? -8.793  -4.853  -1.271  1.00 54.59 ? 10  DT    A O4    1 
ATOM   204 C  C5    . DT    A 1 10 ? -9.852  -6.545  -0.034  1.00 52.64 ? 10  DT    A C5    1 
ATOM   205 C  C7    . DT    A 1 10 ? -9.349  -7.650  -0.913  1.00 53.27 ? 10  DT    A C7    1 
ATOM   206 C  C6    . DT    A 1 10 ? -10.626 -6.793  1.030   1.00 54.21 ? 10  DT    A C6    1 
ATOM   207 P  P     . DC    A 1 11 ? -16.009 -6.494  4.303   1.00 68.87 ? 11  DC    A P     1 
ATOM   208 O  OP1   . DC    A 1 11 ? -16.732 -6.359  5.591   1.00 66.38 ? 11  DC    A OP1   1 
ATOM   209 O  OP2   . DC    A 1 11 ? -16.469 -7.432  3.247   1.00 64.52 ? 11  DC    A OP2   1 
ATOM   210 O  "O5'" . DC    A 1 11 ? -15.870 -5.021  3.702   1.00 60.45 ? 11  DC    A "O5'" 1 
ATOM   211 C  "C5'" . DC    A 1 11 ? -15.524 -3.973  4.571   1.00 60.21 ? 11  DC    A "C5'" 1 
ATOM   212 C  "C4'" . DC    A 1 11 ? -15.687 -2.635  3.895   1.00 60.27 ? 11  DC    A "C4'" 1 
ATOM   213 O  "O4'" . DC    A 1 11 ? -14.599 -2.436  2.965   1.00 63.11 ? 11  DC    A "O4'" 1 
ATOM   214 C  "C3'" . DC    A 1 11 ? -16.973 -2.472  3.093   1.00 61.61 ? 11  DC    A "C3'" 1 
ATOM   215 O  "O3'" . DC    A 1 11 ? -17.527 -1.198  3.339   1.00 66.20 ? 11  DC    A "O3'" 1 
ATOM   216 C  "C2'" . DC    A 1 11 ? -16.505 -2.598  1.649   1.00 59.86 ? 11  DC    A "C2'" 1 
ATOM   217 C  "C1'" . DC    A 1 11 ? -15.117 -1.987  1.739   1.00 61.04 ? 11  DC    A "C1'" 1 
ATOM   218 N  N1    . DC    A 1 11 ? -14.206 -2.443  0.648   1.00 56.45 ? 11  DC    A N1    1 
ATOM   219 C  C2    . DC    A 1 11 ? -13.568 -1.500  -0.174  1.00 51.85 ? 11  DC    A C2    1 
ATOM   220 O  O2    . DC    A 1 11 ? -13.753 -0.279  0.018   1.00 53.74 ? 11  DC    A O2    1 
ATOM   221 N  N3    . DC    A 1 11 ? -12.768 -1.951  -1.159  1.00 50.99 ? 11  DC    A N3    1 
ATOM   222 C  C4    . DC    A 1 11 ? -12.588 -3.270  -1.332  1.00 52.10 ? 11  DC    A C4    1 
ATOM   223 N  N4    . DC    A 1 11 ? -11.776 -3.664  -2.318  1.00 54.46 ? 11  DC    A N4    1 
ATOM   224 C  C5    . DC    A 1 11 ? -13.226 -4.235  -0.509  1.00 50.12 ? 11  DC    A C5    1 
ATOM   225 C  C6    . DC    A 1 11 ? -14.016 -3.783  0.458   1.00 54.42 ? 11  DC    A C6    1 
ATOM   226 P  P     . DC    A 1 12 ? -19.000 -0.853  2.793   1.00 80.11 ? 12  DC    A P     1 
ATOM   227 O  OP1   . DC    A 1 12 ? -19.670 0.010   3.799   1.00 71.47 ? 12  DC    A OP1   1 
ATOM   228 O  OP2   . DC    A 1 12 ? -19.606 -2.119  2.279   1.00 66.30 ? 12  DC    A OP2   1 
ATOM   229 O  "O5'" . DC    A 1 12 ? -18.724 0.077   1.536   1.00 69.91 ? 12  DC    A "O5'" 1 
ATOM   230 C  "C5'" . DC    A 1 12 ? -17.978 1.251   1.696   1.00 65.03 ? 12  DC    A "C5'" 1 
ATOM   231 C  "C4'" . DC    A 1 12 ? -17.875 1.955   0.374   1.00 60.87 ? 12  DC    A "C4'" 1 
ATOM   232 O  "O4'" . DC    A 1 12 ? -16.869 1.300   -0.449  1.00 59.99 ? 12  DC    A "O4'" 1 
ATOM   233 C  "C3'" . DC    A 1 12 ? -19.166 1.926   -0.437  1.00 60.81 ? 12  DC    A "C3'" 1 
ATOM   234 O  "O3'" . DC    A 1 12 ? -19.406 3.219   -1.001  1.00 67.33 ? 12  DC    A "O3'" 1 
ATOM   235 C  "C2'" . DC    A 1 12 ? -18.871 0.876   -1.509  1.00 58.31 ? 12  DC    A "C2'" 1 
ATOM   236 C  "C1'" . DC    A 1 12 ? -17.394 1.126   -1.735  1.00 56.41 ? 12  DC    A "C1'" 1 
ATOM   237 N  N1    . DC    A 1 12 ? -16.683 0.004   -2.412  1.00 53.63 ? 12  DC    A N1    1 
ATOM   238 C  C2    . DC    A 1 12 ? -15.871 0.269   -3.532  1.00 53.08 ? 12  DC    A C2    1 
ATOM   239 O  O2    . DC    A 1 12 ? -15.751 1.433   -3.939  1.00 56.05 ? 12  DC    A O2    1 
ATOM   240 N  N3    . DC    A 1 12 ? -15.238 -0.755  -4.142  1.00 49.78 ? 12  DC    A N3    1 
ATOM   241 C  C4    . DC    A 1 12 ? -15.392 -1.992  -3.690  1.00 50.99 ? 12  DC    A C4    1 
ATOM   242 N  N4    . DC    A 1 12 ? -14.748 -2.970  -4.338  1.00 49.76 ? 12  DC    A N4    1 
ATOM   243 C  C5    . DC    A 1 12 ? -16.217 -2.288  -2.555  1.00 52.41 ? 12  DC    A C5    1 
ATOM   244 C  C6    . DC    A 1 12 ? -16.838 -1.268  -1.954  1.00 53.27 ? 12  DC    A C6    1 
ATOM   245 O  "O5'" . DG    B 1 1  ? -10.012 -1.202  -12.853 1.00 57.73 ? 1   DG    B "O5'" 1 
ATOM   246 C  "C5'" . DG    B 1 1  ? -9.800  0.048   -13.486 1.00 49.44 ? 1   DG    B "C5'" 1 
ATOM   247 C  "C4'" . DG    B 1 1  ? -10.533 1.144   -12.746 1.00 49.29 ? 1   DG    B "C4'" 1 
ATOM   248 O  "O4'" . DG    B 1 1  ? -11.871 0.708   -12.439 1.00 52.47 ? 1   DG    B "O4'" 1 
ATOM   249 C  "C3'" . DG    B 1 1  ? -9.971  1.498   -11.394 1.00 50.72 ? 1   DG    B "C3'" 1 
ATOM   250 O  "O3'" . DG    B 1 1  ? -8.867  2.363   -11.537 1.00 57.05 ? 1   DG    B "O3'" 1 
ATOM   251 C  "C2'" . DG    B 1 1  ? -11.167 2.209   -10.772 1.00 49.40 ? 1   DG    B "C2'" 1 
ATOM   252 C  "C1'" . DG    B 1 1  ? -12.292 1.282   -11.207 1.00 49.97 ? 1   DG    B "C1'" 1 
ATOM   253 N  N9    . DG    B 1 1  ? -12.523 0.199   -10.261 1.00 50.72 ? 1   DG    B N9    1 
ATOM   254 C  C8    . DG    B 1 1  ? -12.135 -1.116  -10.403 1.00 52.82 ? 1   DG    B C8    1 
ATOM   255 N  N7    . DG    B 1 1  ? -12.453 -1.869  -9.379  1.00 53.33 ? 1   DG    B N7    1 
ATOM   256 C  C5    . DG    B 1 1  ? -13.085 -0.994  -8.495  1.00 50.62 ? 1   DG    B C5    1 
ATOM   257 C  C6    . DG    B 1 1  ? -13.647 -1.238  -7.212  1.00 54.14 ? 1   DG    B C6    1 
ATOM   258 O  O6    . DG    B 1 1  ? -13.703 -2.316  -6.594  1.00 57.13 ? 1   DG    B O6    1 
ATOM   259 N  N1    . DG    B 1 1  ? -14.199 -0.077  -6.648  1.00 51.58 ? 1   DG    B N1    1 
ATOM   260 C  C2    . DG    B 1 1  ? -14.200 1.162   -7.249  1.00 51.37 ? 1   DG    B C2    1 
ATOM   261 N  N2    . DG    B 1 1  ? -14.768 2.157   -6.551  1.00 49.79 ? 1   DG    B N2    1 
ATOM   262 N  N3    . DG    B 1 1  ? -13.670 1.406   -8.456  1.00 52.85 ? 1   DG    B N3    1 
ATOM   263 C  C4    . DG    B 1 1  ? -13.133 0.284   -9.018  1.00 50.58 ? 1   DG    B C4    1 
ATOM   264 P  P     . DG    B 1 2  ? -7.683  2.315   -10.457 1.00 57.20 ? 2   DG    B P     1 
ATOM   265 O  OP1   . DG    B 1 2  ? -6.575  3.191   -10.906 1.00 54.80 ? 2   DG    B OP1   1 
ATOM   266 O  OP2   . DG    B 1 2  ? -7.438  0.862   -10.256 1.00 55.69 ? 2   DG    B OP2   1 
ATOM   267 O  "O5'" . DG    B 1 2  ? -8.348  2.944   -9.141  1.00 47.47 ? 2   DG    B "O5'" 1 
ATOM   268 C  "C5'" . DG    B 1 2  ? -8.469  4.337   -9.010  1.00 45.58 ? 2   DG    B "C5'" 1 
ATOM   269 C  "C4'" . DG    B 1 2  ? -9.424  4.683   -7.884  1.00 51.15 ? 2   DG    B "C4'" 1 
ATOM   270 O  "O4'" . DG    B 1 2  ? -10.612 3.854   -7.965  1.00 52.59 ? 2   DG    B "O4'" 1 
ATOM   271 C  "C3'" . DG    B 1 2  ? -8.921  4.400   -6.488  1.00 51.80 ? 2   DG    B "C3'" 1 
ATOM   272 O  "O3'" . DG    B 1 2  ? -8.027  5.405   -6.058  1.00 54.31 ? 2   DG    B "O3'" 1 
ATOM   273 C  "C2'" . DG    B 1 2  ? -10.233 4.452   -5.722  1.00 51.28 ? 2   DG    B "C2'" 1 
ATOM   274 C  "C1'" . DG    B 1 2  ? -11.110 3.631   -6.648  1.00 49.12 ? 2   DG    B "C1'" 1 
ATOM   275 N  N9    . DG    B 1 2  ? -11.012 2.221   -6.360  1.00 47.42 ? 2   DG    B N9    1 
ATOM   276 C  C8    . DG    B 1 2  ? -10.401 1.266   -7.131  1.00 50.45 ? 2   DG    B C8    1 
ATOM   277 N  N7    . DG    B 1 2  ? -10.450 0.068   -6.608  1.00 51.95 ? 2   DG    B N7    1 
ATOM   278 C  C5    . DG    B 1 2  ? -11.119 0.246   -5.404  1.00 49.52 ? 2   DG    B C5    1 
ATOM   279 C  C6    . DG    B 1 2  ? -11.462 -0.699  -4.410  1.00 49.92 ? 2   DG    B C6    1 
ATOM   280 O  O6    . DG    B 1 2  ? -11.231 -1.924  -4.405  1.00 46.82 ? 2   DG    B O6    1 
ATOM   281 N  N1    . DG    B 1 2  ? -12.142 -0.100  -3.340  1.00 50.04 ? 2   DG    B N1    1 
ATOM   282 C  C2    . DG    B 1 2  ? -12.451 1.245   -3.252  1.00 51.75 ? 2   DG    B C2    1 
ATOM   283 N  N2    . DG    B 1 2  ? -13.120 1.634   -2.148  1.00 52.99 ? 2   DG    B N2    1 
ATOM   284 N  N3    . DG    B 1 2  ? -12.132 2.144   -4.185  1.00 51.74 ? 2   DG    B N3    1 
ATOM   285 C  C4    . DG    B 1 2  ? -11.467 1.572   -5.230  1.00 50.43 ? 2   DG    B C4    1 
ATOM   286 P  P     . DA    B 1 3  ? -6.937  5.050   -4.938  1.00 53.72 ? 3   DA    B P     1 
ATOM   287 O  OP1   . DA    B 1 3  ? -6.073  6.242   -4.775  1.00 55.06 ? 3   DA    B OP1   1 
ATOM   288 O  OP2   . DA    B 1 3  ? -6.376  3.714   -5.308  1.00 46.15 ? 3   DA    B OP2   1 
ATOM   289 O  "O5'" . DA    B 1 3  ? -7.807  4.843   -3.608  1.00 52.43 ? 3   DA    B "O5'" 1 
ATOM   290 C  "C5'" . DA    B 1 3  ? -8.509  5.935   -3.017  1.00 51.04 ? 3   DA    B "C5'" 1 
ATOM   291 C  "C4'" . DA    B 1 3  ? -9.270  5.471   -1.780  1.00 50.76 ? 3   DA    B "C4'" 1 
ATOM   292 O  "O4'" . DA    B 1 3  ? -10.139 4.363   -2.130  1.00 54.97 ? 3   DA    B "O4'" 1 
ATOM   293 C  "C3'" . DA    B 1 3  ? -8.407  4.900   -0.680  1.00 53.69 ? 3   DA    B "C3'" 1 
ATOM   294 O  "O3'" . DA    B 1 3  ? -7.842  5.933   0.113   1.00 57.48 ? 3   DA    B "O3'" 1 
ATOM   295 C  "C2'" . DA    B 1 3  ? -9.422  4.068   0.092   1.00 53.03 ? 3   DA    B "C2'" 1 
ATOM   296 C  "C1'" . DA    B 1 3  ? -10.199 3.434   -1.054  1.00 49.76 ? 3   DA    B "C1'" 1 
ATOM   297 N  N9    . DA    B 1 3  ? -9.651  2.151   -1.508  1.00 49.96 ? 3   DA    B N9    1 
ATOM   298 C  C8    . DA    B 1 3  ? -8.897  1.923   -2.631  1.00 52.34 ? 3   DA    B C8    1 
ATOM   299 N  N7    . DA    B 1 3  ? -8.544  0.661   -2.794  1.00 49.22 ? 3   DA    B N7    1 
ATOM   300 C  C5    . DA    B 1 3  ? -9.098  0.022   -1.700  1.00 48.93 ? 3   DA    B C5    1 
ATOM   301 C  C6    . DA    B 1 3  ? -9.089  -1.325  -1.288  1.00 49.25 ? 3   DA    B C6    1 
ATOM   302 N  N6    . DA    B 1 3  ? -8.476  -2.305  -1.969  1.00 48.64 ? 3   DA    B N6    1 
ATOM   303 N  N1    . DA    B 1 3  ? -9.738  -1.629  -0.146  1.00 49.94 ? 3   DA    B N1    1 
ATOM   304 C  C2    . DA    B 1 3  ? -10.362 -0.646  0.525   1.00 51.11 ? 3   DA    B C2    1 
ATOM   305 N  N3    . DA    B 1 3  ? -10.444 0.653   0.235   1.00 50.24 ? 3   DA    B N3    1 
ATOM   306 C  C4    . DA    B 1 3  ? -9.785  0.925   -0.897  1.00 49.67 ? 3   DA    B C4    1 
ATOM   307 P  P     . DG    B 1 4  ? -6.410  5.686   0.793   1.00 53.16 ? 4   DG    B P     1 
ATOM   308 O  OP1   . DG    B 1 4  ? -5.978  6.952   1.424   1.00 53.68 ? 4   DG    B OP1   1 
ATOM   309 O  OP2   . DG    B 1 4  ? -5.561  5.017   -0.223  1.00 49.46 ? 4   DG    B OP2   1 
ATOM   310 O  "O5'" . DG    B 1 4  ? -6.720  4.583   1.919   1.00 51.06 ? 4   DG    B "O5'" 1 
ATOM   311 C  "C5'" . DG    B 1 4  ? -7.527  4.910   3.038   1.00 47.02 ? 4   DG    B "C5'" 1 
ATOM   312 C  "C4'" . DG    B 1 4  ? -7.847  3.666   3.840   1.00 47.38 ? 4   DG    B "C4'" 1 
ATOM   313 O  "O4'" . DG    B 1 4  ? -8.412  2.668   2.955   1.00 53.48 ? 4   DG    B "O4'" 1 
ATOM   314 C  "C3'" . DG    B 1 4  ? -6.654  2.966   4.464   1.00 47.86 ? 4   DG    B "C3'" 1 
ATOM   315 O  "O3'" . DG    B 1 4  ? -6.328  3.558   5.711   1.00 49.34 ? 4   DG    B "O3'" 1 
ATOM   316 C  "C2'" . DG    B 1 4  ? -7.198  1.554   4.660   1.00 53.82 ? 4   DG    B "C2'" 1 
ATOM   317 C  "C1'" . DG    B 1 4  ? -8.107  1.371   3.440   1.00 49.20 ? 4   DG    B "C1'" 1 
ATOM   318 N  N9    . DG    B 1 4  ? -7.475  0.611   2.372   1.00 49.25 ? 4   DG    B N9    1 
ATOM   319 C  C8    . DG    B 1 4  ? -6.903  1.107   1.221   1.00 50.61 ? 4   DG    B C8    1 
ATOM   320 N  N7    . DG    B 1 4  ? -6.398  0.175   0.451   1.00 50.92 ? 4   DG    B N7    1 
ATOM   321 C  C5    . DG    B 1 4  ? -6.648  -1.006  1.142   1.00 49.62 ? 4   DG    B C5    1 
ATOM   322 C  C6    . DG    B 1 4  ? -6.336  -2.341  0.804   1.00 52.86 ? 4   DG    B C6    1 
ATOM   323 O  O6    . DG    B 1 4  ? -5.757  -2.765  -0.213  1.00 54.81 ? 4   DG    B O6    1 
ATOM   324 N  N1    . DG    B 1 4  ? -6.765  -3.234  1.784   1.00 50.72 ? 4   DG    B N1    1 
ATOM   325 C  C2    . DG    B 1 4  ? -7.413  -2.879  2.937   1.00 50.35 ? 4   DG    B C2    1 
ATOM   326 N  N2    . DG    B 1 4  ? -7.751  -3.882  3.759   1.00 52.12 ? 4   DG    B N2    1 
ATOM   327 N  N3    . DG    B 1 4  ? -7.715  -1.634  3.265   1.00 50.77 ? 4   DG    B N3    1 
ATOM   328 C  C4    . DG    B 1 4  ? -7.303  -0.753  2.325   1.00 49.53 ? 4   DG    B C4    1 
ATOM   329 P  P     . DT    B 1 5  ? -4.828  3.470   6.294   1.00 50.29 ? 5   DT    B P     1 
ATOM   330 O  OP1   . DT    B 1 5  ? -4.671  4.570   7.275   1.00 50.16 ? 5   DT    B OP1   1 
ATOM   331 O  OP2   . DT    B 1 5  ? -3.850  3.364   5.199   1.00 48.08 ? 5   DT    B OP2   1 
ATOM   332 O  "O5'" . DT    B 1 5  ? -4.747  2.017   6.947   1.00 50.35 ? 5   DT    B "O5'" 1 
ATOM   333 C  "C5'" . DT    B 1 5  ? -5.650  1.606   7.932   1.00 47.39 ? 5   DT    B "C5'" 1 
ATOM   334 C  "C4'" . DT    B 1 5  ? -5.446  0.127   8.227   1.00 49.27 ? 5   DT    B "C4'" 1 
ATOM   335 O  "O4'" . DT    B 1 5  ? -6.032  -0.667  7.170   1.00 50.13 ? 5   DT    B "O4'" 1 
ATOM   336 C  "C3'" . DT    B 1 5  ? -4.000  -0.325  8.249   1.00 51.23 ? 5   DT    B "C3'" 1 
ATOM   337 O  "O3'" . DT    B 1 5  ? -3.429  -0.037  9.488   1.00 52.91 ? 5   DT    B "O3'" 1 
ATOM   338 C  "C2'" . DT    B 1 5  ? -4.156  -1.823  8.036   1.00 51.01 ? 5   DT    B "C2'" 1 
ATOM   339 C  "C1'" . DT    B 1 5  ? -5.281  -1.860  7.002   1.00 48.89 ? 5   DT    B "C1'" 1 
ATOM   340 N  N1    . DT    B 1 5  ? -4.770  -1.911  5.627   1.00 49.92 ? 5   DT    B N1    1 
ATOM   341 C  C2    . DT    B 1 5  ? -4.455  -3.130  5.091   1.00 52.81 ? 5   DT    B C2    1 
ATOM   342 O  O2    . DT    B 1 5  ? -4.611  -4.184  5.691   1.00 51.40 ? 5   DT    B O2    1 
ATOM   343 N  N3    . DT    B 1 5  ? -3.960  -3.080  3.810   1.00 54.93 ? 5   DT    B N3    1 
ATOM   344 C  C4    . DT    B 1 5  ? -3.738  -1.949  3.042   1.00 51.85 ? 5   DT    B C4    1 
ATOM   345 O  O4    . DT    B 1 5  ? -3.286  -2.008  1.904   1.00 53.76 ? 5   DT    B O4    1 
ATOM   346 C  C5    . DT    B 1 5  ? -4.075  -0.699  3.674   1.00 48.98 ? 5   DT    B C5    1 
ATOM   347 C  C7    . DT    B 1 5  ? -3.885  0.586   2.939   1.00 46.32 ? 5   DT    B C7    1 
ATOM   348 C  C6    . DT    B 1 5  ? -4.565  -0.737  4.922   1.00 50.65 ? 5   DT    B C6    1 
HETATM 349 C  "C1'" . A1L9Q B 1 6  ? -1.045  -4.753  7.445   1.00 53.97 ? 6   A1L9Q B "C1'" 1 
HETATM 350 C  C2    . A1L9Q B 1 6  ? -0.501  -4.668  4.968   1.00 54.11 ? 6   A1L9Q B C2    1 
HETATM 351 C  "C2'" . A1L9Q B 1 6  ? 0.325   -5.059  8.070   1.00 54.30 ? 6   A1L9Q B "C2'" 1 
HETATM 352 C  "C3'" . A1L9Q B 1 6  ? 0.457   -3.897  9.029   1.00 52.33 ? 6   A1L9Q B "C3'" 1 
HETATM 353 C  C4    . A1L9Q B 1 6  ? -0.553  -2.605  3.778   1.00 59.33 ? 6   A1L9Q B C4    1 
HETATM 354 C  "C4'" . A1L9Q B 1 6  ? -0.953  -3.797  9.565   1.00 50.86 ? 6   A1L9Q B "C4'" 1 
HETATM 355 C  C5    . A1L9Q B 1 6  ? -0.953  -1.898  4.996   1.00 55.37 ? 6   A1L9Q B C5    1 
HETATM 356 C  "C5'" . A1L9Q B 1 6  ? -1.302  -2.507  10.224  1.00 50.31 ? 6   A1L9Q B "C5'" 1 
HETATM 357 C  C6    . A1L9Q B 1 6  ? -1.106  -2.633  6.152   1.00 53.82 ? 6   A1L9Q B C6    1 
HETATM 358 C  CM2   . A1L9Q B 1 6  ? 0.849   -7.367  8.179   1.00 55.21 ? 6   A1L9Q B CM2   1 
HETATM 359 N  N1    . A1L9Q B 1 6  ? -0.894  -4.001  6.178   1.00 55.02 ? 6   A1L9Q B N1    1 
HETATM 360 N  N3    . A1L9Q B 1 6  ? -0.338  -3.957  3.762   1.00 54.68 ? 6   A1L9Q B N3    1 
HETATM 361 N  N4    . A1L9Q B 1 6  ? -0.394  -1.879  2.587   1.00 56.65 ? 6   A1L9Q B N4    1 
HETATM 362 O  "O2'" . A1L9Q B 1 6  ? 0.236   -6.275  8.795   1.00 52.82 ? 6   A1L9Q B "O2'" 1 
HETATM 363 O  "O3'" . A1L9Q B 1 6  ? 1.428   -4.091  10.031  1.00 55.03 ? 6   A1L9Q B "O3'" 1 
HETATM 364 O  "O4'" . A1L9Q B 1 6  ? -1.756  -3.954  8.372   1.00 49.21 ? 6   A1L9Q B "O4'" 1 
HETATM 365 O  "O5'" . A1L9Q B 1 6  ? -1.428  -1.511  9.243   1.00 51.14 ? 6   A1L9Q B "O5'" 1 
HETATM 366 O  OP1   . A1L9Q B 1 6  ? -1.602  0.059   11.147  1.00 57.10 ? 6   A1L9Q B OP1   1 
HETATM 367 O  OP2   . A1L9Q B 1 6  ? -1.161  0.882   8.685   1.00 56.77 ? 6   A1L9Q B OP2   1 
HETATM 368 P  P     . A1L9Q B 1 6  ? -1.837  -0.048  9.662   1.00 57.94 ? 6   A1L9Q B P     1 
HETATM 369 S  S2    . A1L9Q B 1 6  ? -0.251  -6.248  4.946   1.00 54.57 ? 6   A1L9Q B S2    1 
HETATM 370 C  "C1'" . A1L9Q B 1 7  ? 4.157   -6.269  5.896   1.00 63.16 ? 7   A1L9Q B "C1'" 1 
HETATM 371 C  C2    . A1L9Q B 1 7  ? 3.864   -5.085  3.674   1.00 58.95 ? 7   A1L9Q B C2    1 
HETATM 372 C  "C2'" . A1L9Q B 1 7  ? 5.671   -6.276  6.099   1.00 61.00 ? 7   A1L9Q B "C2'" 1 
HETATM 373 C  "C3'" . A1L9Q B 1 7  ? 5.784   -5.590  7.447   1.00 58.13 ? 7   A1L9Q B "C3'" 1 
HETATM 374 C  C4    . A1L9Q B 1 7  ? 3.031   -2.854  3.565   1.00 59.66 ? 7   A1L9Q B C4    1 
HETATM 375 C  "C4'" . A1L9Q B 1 7  ? 4.599   -6.166  8.195   1.00 58.95 ? 7   A1L9Q B "C4'" 1 
HETATM 376 C  C5    . A1L9Q B 1 7  ? 2.913   -2.833  5.001   1.00 60.20 ? 7   A1L9Q B C5    1 
HETATM 377 C  "C5'" . A1L9Q B 1 7  ? 4.129   -5.399  9.407   1.00 56.91 ? 7   A1L9Q B "C5'" 1 
HETATM 378 C  C6    . A1L9Q B 1 7  ? 3.284   -3.956  5.702   1.00 59.03 ? 7   A1L9Q B C6    1 
HETATM 379 C  CM2   . A1L9Q B 1 7  ? 5.677   -8.459  5.165   1.00 60.14 ? 7   A1L9Q B CM2   1 
HETATM 380 N  N1    . A1L9Q B 1 7  ? 3.752   -5.092  5.088   1.00 60.98 ? 7   A1L9Q B N1    1 
HETATM 381 N  N3    . A1L9Q B 1 7  ? 3.487   -3.951  2.911   1.00 55.88 ? 7   A1L9Q B N3    1 
HETATM 382 N  N4    . A1L9Q B 1 7  ? 2.658   -1.718  2.847   1.00 58.90 ? 7   A1L9Q B N4    1 
HETATM 383 O  "O2'" . A1L9Q B 1 7  ? 6.112   -7.619  6.193   1.00 60.75 ? 7   A1L9Q B "O2'" 1 
HETATM 384 O  "O3'" . A1L9Q B 1 7  ? 7.024   -5.806  8.073   1.00 59.67 ? 7   A1L9Q B "O3'" 1 
HETATM 385 O  "O4'" . A1L9Q B 1 7  ? 3.559   -6.194  7.183   1.00 63.69 ? 7   A1L9Q B "O4'" 1 
HETATM 386 O  "O5'" . A1L9Q B 1 7  ? 3.766   -4.069  9.079   1.00 53.20 ? 7   A1L9Q B "O5'" 1 
HETATM 387 O  OP1   . A1L9Q B 1 7  ? 3.253   -3.253  11.453  1.00 53.87 ? 7   A1L9Q B OP1   1 
HETATM 388 O  OP2   . A1L9Q B 1 7  ? 2.547   -1.918  9.315   1.00 55.68 ? 7   A1L9Q B OP2   1 
HETATM 389 P  P     . A1L9Q B 1 7  ? 2.787   -3.232  10.017  1.00 57.13 ? 7   A1L9Q B P     1 
HETATM 390 S  S2    . A1L9Q B 1 7  ? 4.406   -6.383  2.911   1.00 65.62 ? 7   A1L9Q B S2    1 
ATOM   391 P  P     . DA    B 1 8  ? 8.191   -4.741  7.826   1.00 62.40 ? 8   DA    B P     1 
ATOM   392 O  OP1   . DA    B 1 8  ? 9.230   -4.983  8.845   1.00 61.34 ? 8   DA    B OP1   1 
ATOM   393 O  OP2   . DA    B 1 8  ? 7.528   -3.415  7.738   1.00 63.14 ? 8   DA    B OP2   1 
ATOM   394 O  "O5'" . DA    B 1 8  ? 8.738   -5.095  6.368   1.00 59.77 ? 8   DA    B "O5'" 1 
ATOM   395 C  "C5'" . DA    B 1 8  ? 9.125   -6.421  6.055   1.00 58.27 ? 8   DA    B "C5'" 1 
ATOM   396 C  "C4'" . DA    B 1 8  ? 9.540   -6.520  4.596   1.00 58.92 ? 8   DA    B "C4'" 1 
ATOM   397 O  "O4'" . DA    B 1 8  ? 8.362   -6.520  3.751   1.00 61.49 ? 8   DA    B "O4'" 1 
ATOM   398 C  "C3'" . DA    B 1 8  ? 10.372  -5.363  4.081   1.00 60.37 ? 8   DA    B "C3'" 1 
ATOM   399 O  "O3'" . DA    B 1 8  ? 11.750  -5.569  4.382   1.00 65.15 ? 8   DA    B "O3'" 1 
ATOM   400 C  "C2'" . DA    B 1 8  ? 10.107  -5.468  2.587   1.00 61.58 ? 8   DA    B "C2'" 1 
ATOM   401 C  "C1'" . DA    B 1 8  ? 8.618   -5.774  2.575   1.00 55.76 ? 8   DA    B "C1'" 1 
ATOM   402 N  N9    . DA    B 1 8  ? 7.789   -4.571  2.599   1.00 58.67 ? 8   DA    B N9    1 
ATOM   403 C  C8    . DA    B 1 8  ? 7.316   -3.911  3.707   1.00 60.90 ? 8   DA    B C8    1 
ATOM   404 N  N7    . DA    B 1 8  ? 6.596   -2.846  3.424   1.00 58.79 ? 8   DA    B N7    1 
ATOM   405 C  C5    . DA    B 1 8  ? 6.596   -2.807  2.036   1.00 55.86 ? 8   DA    B C5    1 
ATOM   406 C  C6    . DA    B 1 8  ? 6.009   -1.919  1.113   1.00 56.08 ? 8   DA    B C6    1 
ATOM   407 N  N6    . DA    B 1 8  ? 5.275   -0.859  1.475   1.00 57.93 ? 8   DA    B N6    1 
ATOM   408 N  N1    . DA    B 1 8  ? 6.207   -2.160  -0.198  1.00 55.01 ? 8   DA    B N1    1 
ATOM   409 C  C2    . DA    B 1 8  ? 6.940   -3.217  -0.554  1.00 54.84 ? 8   DA    B C2    1 
ATOM   410 N  N3    . DA    B 1 8  ? 7.539   -4.122  0.221   1.00 56.12 ? 8   DA    B N3    1 
ATOM   411 C  C4    . DA    B 1 8  ? 7.327   -3.858  1.514   1.00 56.80 ? 8   DA    B C4    1 
ATOM   412 P  P     . DC    B 1 9  ? 12.723  -4.321  4.687   1.00 70.09 ? 9   DC    B P     1 
ATOM   413 O  OP1   . DC    B 1 9  ? 14.002  -4.958  5.072   1.00 73.53 ? 9   DC    B OP1   1 
ATOM   414 O  OP2   . DC    B 1 9  ? 12.056  -3.331  5.569   1.00 63.28 ? 9   DC    B OP2   1 
ATOM   415 O  "O5'" . DC    B 1 9  ? 12.881  -3.573  3.284   1.00 59.31 ? 9   DC    B "O5'" 1 
ATOM   416 C  "C5'" . DC    B 1 9  ? 13.690  -4.118  2.278   1.00 57.70 ? 9   DC    B "C5'" 1 
ATOM   417 C  "C4'" . DC    B 1 9  ? 13.344  -3.497  0.944   1.00 55.83 ? 9   DC    B "C4'" 1 
ATOM   418 O  "O4'" . DC    B 1 9  ? 11.912  -3.423  0.811   1.00 56.94 ? 9   DC    B "O4'" 1 
ATOM   419 C  "C3'" . DC    B 1 9  ? 13.778  -2.065  0.773   1.00 55.20 ? 9   DC    B "C3'" 1 
ATOM   420 O  "O3'" . DC    B 1 9  ? 15.117  -2.020  0.403   1.00 55.95 ? 9   DC    B "O3'" 1 
ATOM   421 C  "C2'" . DC    B 1 9  ? 12.887  -1.618  -0.375  1.00 57.54 ? 9   DC    B "C2'" 1 
ATOM   422 C  "C1'" . DC    B 1 9  ? 11.595  -2.389  -0.101  1.00 56.90 ? 9   DC    B "C1'" 1 
ATOM   423 N  N1    . DC    B 1 9  ? 10.540  -1.531  0.475   1.00 54.94 ? 9   DC    B N1    1 
ATOM   424 C  C2    . DC    B 1 9  ? 9.898   -0.629  -0.356  1.00 54.57 ? 9   DC    B C2    1 
ATOM   425 O  O2    . DC    B 1 9  ? 10.221  -0.590  -1.544  1.00 57.74 ? 9   DC    B O2    1 
ATOM   426 N  N3    . DC    B 1 9  ? 8.938   0.177   0.155   1.00 55.98 ? 9   DC    B N3    1 
ATOM   427 C  C4    . DC    B 1 9  ? 8.634   0.108   1.448   1.00 55.41 ? 9   DC    B C4    1 
ATOM   428 N  N4    . DC    B 1 9  ? 7.682   0.926   1.904   1.00 52.03 ? 9   DC    B N4    1 
ATOM   429 C  C5    . DC    B 1 9  ? 9.291   -0.809  2.328   1.00 55.20 ? 9   DC    B C5    1 
ATOM   430 C  C6    . DC    B 1 9  ? 10.233  -1.602  1.801   1.00 56.26 ? 9   DC    B C6    1 
ATOM   431 P  P     . DT    B 1 10 ? 15.942  -0.667  0.614   1.00 60.68 ? 10  DT    B P     1 
ATOM   432 O  OP1   . DT    B 1 10 ? 17.361  -1.026  0.411   1.00 64.21 ? 10  DT    B OP1   1 
ATOM   433 O  OP2   . DT    B 1 10 ? 15.489  -0.054  1.885   1.00 58.93 ? 10  DT    B OP2   1 
ATOM   434 O  "O5'" . DT    B 1 10 ? 15.432  0.291   -0.564  1.00 57.68 ? 10  DT    B "O5'" 1 
ATOM   435 C  "C5'" . DT    B 1 10 ? 15.599  -0.087  -1.921  1.00 55.47 ? 10  DT    B "C5'" 1 
ATOM   436 C  "C4'" . DT    B 1 10 ? 14.991  0.957   -2.832  1.00 53.39 ? 10  DT    B "C4'" 1 
ATOM   437 O  "O4'" . DT    B 1 10 ? 13.558  0.925   -2.689  1.00 55.88 ? 10  DT    B "O4'" 1 
ATOM   438 C  "C3'" . DT    B 1 10 ? 15.366  2.384   -2.492  1.00 53.02 ? 10  DT    B "C3'" 1 
ATOM   439 O  "O3'" . DT    B 1 10 ? 16.596  2.716   -3.087  1.00 58.25 ? 10  DT    B "O3'" 1 
ATOM   440 C  "C2'" . DT    B 1 10 ? 14.218  3.174   -3.102  1.00 50.88 ? 10  DT    B "C2'" 1 
ATOM   441 C  "C1'" . DT    B 1 10 ? 13.034  2.234   -2.870  1.00 53.54 ? 10  DT    B "C1'" 1 
ATOM   442 N  N1    . DT    B 1 10 ? 12.209  2.578   -1.674  1.00 53.12 ? 10  DT    B N1    1 
ATOM   443 C  C2    . DT    B 1 10 ? 11.163  3.461   -1.812  1.00 52.01 ? 10  DT    B C2    1 
ATOM   444 O  O2    . DT    B 1 10 ? 10.879  3.998   -2.874  1.00 54.42 ? 10  DT    B O2    1 
ATOM   445 N  N3    . DT    B 1 10 ? 10.459  3.706   -0.655  1.00 50.82 ? 10  DT    B N3    1 
ATOM   446 C  C4    . DT    B 1 10 ? 10.697  3.161   0.599   1.00 52.52 ? 10  DT    B C4    1 
ATOM   447 O  O4    . DT    B 1 10 ? 9.998   3.436   1.584   1.00 53.04 ? 10  DT    B O4    1 
ATOM   448 C  C5    . DT    B 1 10 ? 11.812  2.233   0.665   1.00 53.57 ? 10  DT    B C5    1 
ATOM   449 C  C7    . DT    B 1 10 ? 12.172  1.566   1.956   1.00 53.00 ? 10  DT    B C7    1 
ATOM   450 C  C6    . DT    B 1 10 ? 12.498  1.989   -0.461  1.00 55.68 ? 10  DT    B C6    1 
ATOM   451 P  P     . DC    B 1 11 ? 17.353  4.066   -2.655  1.00 60.45 ? 11  DC    B P     1 
ATOM   452 O  OP1   . DC    B 1 11 ? 18.784  3.897   -3.000  1.00 60.12 ? 11  DC    B OP1   1 
ATOM   453 O  OP2   . DC    B 1 11 ? 16.939  4.414   -1.268  1.00 52.99 ? 11  DC    B OP2   1 
ATOM   454 O  "O5'" . DC    B 1 11 ? 16.755  5.142   -3.649  1.00 48.66 ? 11  DC    B "O5'" 1 
ATOM   455 C  "C5'" . DC    B 1 11 ? 16.729  6.464   -3.283  1.00 48.01 ? 11  DC    B "C5'" 1 
ATOM   456 C  "C4'" . DC    B 1 11 ? 15.515  7.114   -3.881  1.00 53.81 ? 11  DC    B "C4'" 1 
ATOM   457 O  "O4'" . DC    B 1 11 ? 14.350  6.316   -3.574  1.00 55.32 ? 11  DC    B "O4'" 1 
ATOM   458 C  "C3'" . DC    B 1 11 ? 15.201  8.477   -3.325  1.00 57.56 ? 11  DC    B "C3'" 1 
ATOM   459 O  "O3'" . DC    B 1 11 ? 15.963  9.436   -4.002  1.00 59.82 ? 11  DC    B "O3'" 1 
ATOM   460 C  "C2'" . DC    B 1 11 ? 13.707  8.600   -3.607  1.00 52.90 ? 11  DC    B "C2'" 1 
ATOM   461 C  "C1'" . DC    B 1 11 ? 13.244  7.174   -3.304  1.00 52.55 ? 11  DC    B "C1'" 1 
ATOM   462 N  N1    . DC    B 1 11 ? 12.840  6.943   -1.895  1.00 47.49 ? 11  DC    B N1    1 
ATOM   463 C  C2    . DC    B 1 11 ? 11.615  7.439   -1.420  1.00 49.39 ? 11  DC    B C2    1 
ATOM   464 O  O2    . DC    B 1 11 ? 10.892  8.103   -2.183  1.00 50.95 ? 11  DC    B O2    1 
ATOM   465 N  N3    . DC    B 1 11 ? 11.263  7.186   -0.130  1.00 47.78 ? 11  DC    B N3    1 
ATOM   466 C  C4    . DC    B 1 11 ? 12.088  6.473   0.657   1.00 50.66 ? 11  DC    B C4    1 
ATOM   467 N  N4    . DC    B 1 11 ? 11.720  6.248   1.923   1.00 49.46 ? 11  DC    B N4    1 
ATOM   468 C  C5    . DC    B 1 11 ? 13.328  5.959   0.178   1.00 51.40 ? 11  DC    B C5    1 
ATOM   469 C  C6    . DC    B 1 11 ? 13.655  6.206   -1.090  1.00 49.07 ? 11  DC    B C6    1 
ATOM   470 P  P     . DC    B 1 12 ? 16.840  10.473  -3.154  1.00 61.97 ? 12  DC    B P     1 
ATOM   471 O  OP1   . DC    B 1 12 ? 17.827  11.075  -4.075  1.00 63.14 ? 12  DC    B OP1   1 
ATOM   472 O  OP2   . DC    B 1 12 ? 17.310  9.784   -1.915  1.00 55.01 ? 12  DC    B OP2   1 
ATOM   473 O  "O5'" . DC    B 1 12 ? 15.758  11.586  -2.787  1.00 58.33 ? 12  DC    B "O5'" 1 
ATOM   474 C  "C5'" . DC    B 1 12 ? 14.858  12.032  -3.796  1.00 54.46 ? 12  DC    B "C5'" 1 
ATOM   475 C  "C4'" . DC    B 1 12 ? 13.592  12.582  -3.176  1.00 56.77 ? 12  DC    B "C4'" 1 
ATOM   476 O  "O4'" . DC    B 1 12 ? 12.844  11.505  -2.561  1.00 57.42 ? 12  DC    B "O4'" 1 
ATOM   477 C  "C3'" . DC    B 1 12 ? 13.807  13.565  -2.041  1.00 57.83 ? 12  DC    B "C3'" 1 
ATOM   478 O  "O3'" . DC    B 1 12 ? 14.102  14.860  -2.552  1.00 58.62 ? 12  DC    B "O3'" 1 
ATOM   479 C  "C2'" . DC    B 1 12 ? 12.442  13.516  -1.344  1.00 56.07 ? 12  DC    B "C2'" 1 
ATOM   480 C  "C1'" . DC    B 1 12 ? 12.067  12.032  -1.489  1.00 53.22 ? 12  DC    B "C1'" 1 
ATOM   481 N  N1    . DC    B 1 12 ? 12.322  11.221  -0.255  1.00 49.22 ? 12  DC    B N1    1 
ATOM   482 C  C2    . DC    B 1 12 ? 11.354  11.187  0.746   1.00 51.54 ? 12  DC    B C2    1 
ATOM   483 O  O2    . DC    B 1 12 ? 10.302  11.833  0.586   1.00 54.37 ? 12  DC    B O2    1 
ATOM   484 N  N3    . DC    B 1 12 ? 11.590  10.447  1.870   1.00 47.64 ? 12  DC    B N3    1 
ATOM   485 C  C4    . DC    B 1 12 ? 12.729  9.769   1.992   1.00 46.44 ? 12  DC    B C4    1 
ATOM   486 N  N4    . DC    B 1 12 ? 12.916  9.061   3.102   1.00 45.99 ? 12  DC    B N4    1 
ATOM   487 C  C5    . DC    B 1 12 ? 13.726  9.788   0.979   1.00 47.16 ? 12  DC    B C5    1 
ATOM   488 C  C6    . DC    B 1 12 ? 13.483  10.520  -0.119  1.00 50.26 ? 12  DC    B C6    1 
HETATM 489 AU AU    . AU    C 2 .  ? 0.419   -6.427  2.696   0.72 62.54 ? 101 AU    A AU    1 
HETATM 490 AU AU    . AU    D 2 .  ? 4.399   -5.586  0.603   0.77 68.16 ? 101 AU    B AU    1 
# 
